data_2GJ7
#
_entry.id   2GJ7
#
_cell.length_a   174.726
_cell.length_b   174.726
_cell.length_c   315.997
_cell.angle_alpha   90.00
_cell.angle_beta   90.00
_cell.angle_gamma   90.00
#
_symmetry.space_group_name_H-M   'P 43 21 2'
#
loop_
_entity.id
_entity.type
_entity.pdbx_description
1 polymer 'Ig gamma-1 chain C region'
2 polymer 'Glycoprotein E'
3 branched beta-D-galactopyranose-(1-4)-2-acetamido-2-deoxy-beta-D-glucopyranose-(1-2)-alpha-D-mannopyranose-(1-6)-[alpha-D-mannopyranose-(1-3)]beta-D-mannopyranose-(1-4)-2-acetamido-2-deoxy-beta-D-glucopyranose-(1-4)-[alpha-L-fucopyranose-(1-6)]2-acetamido-2-deoxy-beta-D-glucopyranose
#
loop_
_entity_poly.entity_id
_entity_poly.type
_entity_poly.pdbx_seq_one_letter_code
_entity_poly.pdbx_strand_id
1 'polypeptide(L)'
;LETHTCPPCPAPELLGGPSVFLFPPKPKDTLMISRTPEVTCVVVDVSHEDPEVKFNWYVDGVEVHNAKTKPREEQYNSTY
RVVSVLTVLHQDWLNGKEYKCKVSNKALPAPIEKTISKAKGQPREPQVYTLPPSREEMTKNQVSLTCLVKGFYPSDIAVE
WESNGQPENNYKTTPPVLDSDGSFFLYSKLTVDKSRWQQGNVFSCSVMHEALHNHYTQKSLSLSPGK
;
A,B
2 'polypeptide(L)'
;GTPKTSWRRVSVGEDVSLLPAPGPTGRGPTQKLLWAVEPLDGCGPLHPSWVSLMPPKQVPETVVDAACMRAPVPLAMAYA
PPAPSATGGLRTDFVWQERAAVVNRSLVIHGVRETDSGLYTLSVGDIKDPARQVASVVLVVQPAPVPTPPPTPADYDEDD
NDEGEDESLAGTPASGTPRLPPPPAPPRSWPSAPEVSHVRGVTVRMETPEAILFSPGETFSTNVSIHAIAHDDQTYSMDV
VWLRFDVPTSCAEMRIYESCLYHPQLPECLSPADAPCAASTWTSRLAVRSYAGCSRTNPPPRCSAEAHMEPVPGLAWQAA
SVNLEFRDASPQHSGLYLCVVYVNDHIHAWGHITISTAAQYRNAVVEQPLPQRGADLAEPTHPHVGAPPHAPPTHGALRD
I
;
F,E
#
# COMPACT_ATOMS: atom_id res chain seq x y z
N GLY A 17 22.28 7.28 26.20
CA GLY A 17 22.03 8.72 25.83
C GLY A 17 20.65 8.92 25.23
N PRO A 18 20.06 10.11 25.35
CA PRO A 18 18.73 10.39 24.80
C PRO A 18 18.73 10.30 23.29
N SER A 19 17.56 10.13 22.69
CA SER A 19 17.44 10.06 21.26
C SER A 19 16.37 11.06 20.83
N VAL A 20 16.50 11.62 19.64
CA VAL A 20 15.53 12.61 19.18
C VAL A 20 14.83 12.25 17.88
N PHE A 21 13.54 12.58 17.79
CA PHE A 21 12.74 12.33 16.61
C PHE A 21 11.88 13.54 16.29
N LEU A 22 12.06 14.10 15.08
CA LEU A 22 11.35 15.30 14.64
C LEU A 22 10.24 14.97 13.64
N PHE A 23 9.01 15.29 14.00
CA PHE A 23 7.86 14.97 13.17
C PHE A 23 7.20 16.17 12.46
N PRO A 24 6.75 15.98 11.20
CA PRO A 24 6.11 17.05 10.42
C PRO A 24 4.67 17.20 10.84
N PRO A 25 4.02 18.30 10.47
CA PRO A 25 2.61 18.46 10.85
C PRO A 25 1.69 17.55 10.01
N LYS A 26 0.45 17.38 10.45
CA LYS A 26 -0.50 16.53 9.74
C LYS A 26 -0.89 17.19 8.41
N PRO A 27 -1.12 16.38 7.38
CA PRO A 27 -1.49 16.96 6.08
C PRO A 27 -2.73 17.85 6.17
N LYS A 28 -3.77 17.39 6.87
CA LYS A 28 -4.99 18.18 7.03
C LYS A 28 -4.79 19.51 7.75
N ASP A 29 -3.82 19.57 8.66
CA ASP A 29 -3.55 20.80 9.40
C ASP A 29 -2.84 21.84 8.55
N THR A 30 -2.08 21.39 7.56
CA THR A 30 -1.36 22.32 6.69
C THR A 30 -2.24 22.82 5.54
N LEU A 31 -3.18 21.98 5.11
CA LEU A 31 -4.09 22.29 3.99
C LEU A 31 -5.38 23.05 4.35
N MET A 32 -5.80 23.00 5.61
CA MET A 32 -7.01 23.69 6.06
C MET A 32 -6.63 24.91 6.88
N ILE A 33 -7.13 26.07 6.46
CA ILE A 33 -6.85 27.33 7.14
C ILE A 33 -7.54 27.40 8.50
N SER A 34 -8.50 26.51 8.72
CA SER A 34 -9.22 26.47 9.99
C SER A 34 -8.49 25.63 11.04
N ARG A 35 -7.31 25.12 10.69
CA ARG A 35 -6.53 24.30 11.63
C ARG A 35 -5.16 24.88 11.90
N THR A 36 -4.49 24.36 12.93
CA THR A 36 -3.16 24.86 13.32
C THR A 36 -2.07 23.78 13.28
N PRO A 37 -1.26 23.77 12.22
CA PRO A 37 -0.17 22.82 12.01
C PRO A 37 0.97 23.05 12.98
N GLU A 38 1.69 22.00 13.34
CA GLU A 38 2.80 22.12 14.28
C GLU A 38 3.85 21.04 14.08
N VAL A 39 5.11 21.39 14.34
CA VAL A 39 6.22 20.46 14.22
C VAL A 39 6.48 19.97 15.66
N THR A 40 6.73 18.67 15.83
CA THR A 40 6.93 18.09 17.15
C THR A 40 8.30 17.46 17.34
N CYS A 41 9.09 18.00 18.27
CA CYS A 41 10.41 17.47 18.55
C CYS A 41 10.32 16.60 19.81
N VAL A 42 10.36 15.27 19.61
CA VAL A 42 10.27 14.28 20.69
C VAL A 42 11.63 13.75 21.16
N VAL A 43 11.88 13.84 22.45
CA VAL A 43 13.14 13.34 23.01
C VAL A 43 12.84 12.11 23.90
N VAL A 44 13.41 10.98 23.53
CA VAL A 44 13.20 9.75 24.30
C VAL A 44 14.45 9.36 25.08
N ASP A 45 14.31 8.37 25.95
CA ASP A 45 15.40 7.88 26.75
C ASP A 45 16.04 8.95 27.61
N VAL A 46 15.20 9.81 28.20
CA VAL A 46 15.71 10.84 29.08
C VAL A 46 15.89 10.14 30.43
N SER A 47 17.01 10.41 31.12
CA SER A 47 17.30 9.76 32.40
C SER A 47 16.74 10.47 33.62
N HIS A 48 16.59 9.73 34.72
CA HIS A 48 16.10 10.36 35.95
C HIS A 48 17.19 11.21 36.58
N GLU A 49 18.45 10.81 36.40
CA GLU A 49 19.58 11.56 36.93
C GLU A 49 19.68 12.96 36.32
N ASP A 50 19.40 13.07 35.02
CA ASP A 50 19.45 14.36 34.32
C ASP A 50 18.29 14.54 33.34
N PRO A 51 17.09 14.89 33.84
CA PRO A 51 15.88 15.08 33.02
C PRO A 51 15.71 16.45 32.35
N GLU A 52 16.58 17.40 32.67
CA GLU A 52 16.52 18.76 32.15
C GLU A 52 17.00 18.80 30.70
N VAL A 53 16.14 19.23 29.79
CA VAL A 53 16.47 19.30 28.37
C VAL A 53 16.26 20.69 27.79
N LYS A 54 17.27 21.20 27.09
CA LYS A 54 17.18 22.51 26.47
C LYS A 54 16.88 22.39 24.98
N PHE A 55 15.96 23.22 24.50
CA PHE A 55 15.56 23.22 23.11
C PHE A 55 15.91 24.54 22.43
N ASN A 56 16.45 24.43 21.22
CA ASN A 56 16.79 25.58 20.39
C ASN A 56 16.17 25.31 19.03
N TRP A 57 15.19 26.13 18.64
CA TRP A 57 14.50 25.97 17.36
C TRP A 57 14.97 27.00 16.33
N TYR A 58 14.98 26.60 15.07
CA TYR A 58 15.42 27.48 14.00
C TYR A 58 14.51 27.27 12.80
N VAL A 59 14.32 28.34 12.02
CA VAL A 59 13.54 28.26 10.79
C VAL A 59 14.43 28.93 9.73
N ASP A 60 15.04 28.11 8.89
CA ASP A 60 15.95 28.56 7.83
C ASP A 60 17.16 29.24 8.45
N GLY A 61 17.61 28.69 9.57
CA GLY A 61 18.76 29.23 10.27
C GLY A 61 18.43 30.25 11.34
N VAL A 62 17.34 30.99 11.15
CA VAL A 62 16.91 32.02 12.10
C VAL A 62 16.23 31.39 13.32
N GLU A 63 16.82 31.61 14.50
CA GLU A 63 16.28 31.06 15.74
C GLU A 63 14.95 31.71 16.11
N VAL A 64 13.96 30.89 16.50
CA VAL A 64 12.64 31.38 16.91
C VAL A 64 12.38 31.02 18.36
N HIS A 65 11.45 31.73 19.00
CA HIS A 65 11.19 31.51 20.43
C HIS A 65 9.77 31.19 20.90
N ASN A 66 8.85 30.93 19.98
CA ASN A 66 7.47 30.66 20.37
C ASN A 66 7.10 29.19 20.65
N ALA A 67 8.08 28.32 20.84
CA ALA A 67 7.79 26.92 21.12
C ALA A 67 7.38 26.69 22.57
N LYS A 68 6.57 25.66 22.77
CA LYS A 68 6.08 25.29 24.10
C LYS A 68 6.48 23.84 24.44
N THR A 69 6.76 23.57 25.70
CA THR A 69 7.12 22.23 26.11
C THR A 69 5.90 21.49 26.66
N LYS A 70 5.65 20.30 26.14
CA LYS A 70 4.52 19.50 26.61
C LYS A 70 4.88 19.01 28.03
N PRO A 71 3.88 18.67 28.85
CA PRO A 71 4.20 18.19 30.21
C PRO A 71 4.98 16.88 30.16
N ARG A 72 6.03 16.77 30.99
CA ARG A 72 6.88 15.57 31.05
C ARG A 72 6.10 14.28 31.29
N GLU A 73 6.53 13.19 30.66
CA GLU A 73 5.84 11.93 30.81
C GLU A 73 6.74 10.72 31.13
N GLU A 74 6.45 10.09 32.27
CA GLU A 74 7.15 8.92 32.77
C GLU A 74 6.78 7.71 31.88
N GLN A 75 7.81 7.05 31.36
CA GLN A 75 7.59 5.91 30.47
C GLN A 75 7.59 4.53 31.14
N TYR A 76 8.01 4.49 32.40
CA TYR A 76 8.03 3.26 33.20
C TYR A 76 9.05 2.23 32.79
N ASN A 77 9.95 2.60 31.89
CA ASN A 77 11.02 1.70 31.47
C ASN A 77 12.38 2.32 31.86
N SER A 78 12.34 3.15 32.90
CA SER A 78 13.47 3.88 33.49
C SER A 78 13.81 5.23 32.85
N THR A 79 12.99 5.66 31.89
CA THR A 79 13.24 6.92 31.20
C THR A 79 12.02 7.82 31.13
N TYR A 80 12.27 9.06 30.75
CA TYR A 80 11.22 10.05 30.55
C TYR A 80 11.12 10.28 29.04
N ARG A 81 10.11 11.04 28.65
CA ARG A 81 9.88 11.41 27.26
C ARG A 81 9.59 12.91 27.37
N VAL A 82 10.48 13.72 26.81
CA VAL A 82 10.35 15.17 26.83
C VAL A 82 9.99 15.61 25.40
N VAL A 83 8.96 16.44 25.26
CA VAL A 83 8.52 16.89 23.95
C VAL A 83 8.35 18.41 23.81
N SER A 84 8.78 18.96 22.68
CA SER A 84 8.63 20.39 22.40
C SER A 84 7.79 20.51 21.14
N VAL A 85 6.84 21.43 21.15
CA VAL A 85 5.94 21.66 20.02
C VAL A 85 6.12 23.08 19.48
N LEU A 86 6.31 23.19 18.17
CA LEU A 86 6.45 24.50 17.51
C LEU A 86 5.31 24.66 16.52
N THR A 87 4.56 25.74 16.66
CA THR A 87 3.47 26.03 15.75
C THR A 87 4.07 26.60 14.48
N VAL A 88 3.54 26.24 13.31
CA VAL A 88 4.07 26.78 12.07
C VAL A 88 2.95 27.47 11.29
N LEU A 89 3.36 28.30 10.34
CA LEU A 89 2.40 29.01 9.49
C LEU A 89 2.16 28.16 8.26
N HIS A 90 0.90 28.00 7.89
CA HIS A 90 0.51 27.20 6.73
C HIS A 90 1.41 27.48 5.53
N GLN A 91 1.55 28.76 5.20
CA GLN A 91 2.37 29.18 4.06
C GLN A 91 3.86 28.91 4.27
N ASP A 92 4.35 29.01 5.50
CA ASP A 92 5.78 28.75 5.75
C ASP A 92 6.09 27.29 5.45
N TRP A 93 5.24 26.39 5.93
CA TRP A 93 5.43 24.95 5.69
C TRP A 93 5.32 24.64 4.20
N LEU A 94 4.19 25.03 3.61
CA LEU A 94 3.95 24.80 2.20
C LEU A 94 5.02 25.39 1.29
N ASN A 95 5.71 26.43 1.75
CA ASN A 95 6.76 27.07 0.94
C ASN A 95 8.14 26.40 1.07
N GLY A 96 8.20 25.29 1.79
CA GLY A 96 9.47 24.56 1.91
C GLY A 96 10.51 25.08 2.87
N LYS A 97 10.08 25.75 3.94
CA LYS A 97 11.00 26.28 4.93
C LYS A 97 11.49 25.13 5.81
N GLU A 98 12.73 25.20 6.26
CA GLU A 98 13.30 24.13 7.07
C GLU A 98 13.24 24.42 8.56
N TYR A 99 12.78 23.43 9.32
CA TYR A 99 12.67 23.53 10.77
C TYR A 99 13.71 22.64 11.44
N LYS A 100 14.58 23.24 12.25
CA LYS A 100 15.63 22.50 12.94
C LYS A 100 15.42 22.57 14.45
N CYS A 101 15.55 21.43 15.10
CA CYS A 101 15.40 21.31 16.54
C CYS A 101 16.71 20.84 17.12
N LYS A 102 17.27 21.61 18.05
CA LYS A 102 18.53 21.25 18.69
C LYS A 102 18.21 20.86 20.13
N VAL A 103 18.67 19.68 20.54
CA VAL A 103 18.42 19.15 21.88
C VAL A 103 19.73 19.02 22.67
N SER A 104 19.76 19.60 23.86
CA SER A 104 20.93 19.56 24.73
C SER A 104 20.57 18.93 26.08
N ASN A 105 21.42 18.04 26.59
CA ASN A 105 21.20 17.35 27.86
C ASN A 105 22.55 16.87 28.42
N LYS A 106 22.76 16.99 29.74
CA LYS A 106 24.04 16.61 30.33
C LYS A 106 24.55 15.19 30.04
N ALA A 107 23.67 14.29 29.62
CA ALA A 107 24.10 12.92 29.30
C ALA A 107 24.41 12.77 27.81
N LEU A 108 24.52 13.90 27.12
CA LEU A 108 24.77 13.94 25.69
C LEU A 108 26.11 14.62 25.46
N PRO A 109 27.05 13.93 24.78
CA PRO A 109 28.37 14.50 24.51
C PRO A 109 28.32 15.88 23.83
N ALA A 110 27.44 16.02 22.84
CA ALA A 110 27.26 17.26 22.09
C ALA A 110 25.78 17.38 21.69
N PRO A 111 25.28 18.61 21.54
CA PRO A 111 23.87 18.81 21.15
C PRO A 111 23.49 18.02 19.89
N ILE A 112 22.25 17.49 19.87
CA ILE A 112 21.74 16.73 18.74
C ILE A 112 20.82 17.62 17.94
N GLU A 113 20.98 17.60 16.61
CA GLU A 113 20.16 18.42 15.72
C GLU A 113 19.48 17.60 14.63
N LYS A 114 18.18 17.77 14.51
CA LYS A 114 17.39 17.10 13.48
C LYS A 114 16.74 18.21 12.66
N THR A 115 16.54 17.96 11.37
CA THR A 115 15.91 18.95 10.51
C THR A 115 14.84 18.25 9.68
N ILE A 116 13.70 18.91 9.53
CA ILE A 116 12.61 18.38 8.71
C ILE A 116 11.87 19.51 8.04
N SER A 117 11.35 19.22 6.85
CA SER A 117 10.62 20.19 6.07
C SER A 117 9.84 19.40 5.02
N LYS A 118 9.03 20.10 4.24
CA LYS A 118 8.24 19.48 3.20
C LYS A 118 9.17 18.79 2.19
N ALA A 119 8.66 17.78 1.49
CA ALA A 119 9.43 17.08 0.48
C ALA A 119 9.69 18.06 -0.66
N LYS A 120 10.92 18.10 -1.14
CA LYS A 120 11.29 19.01 -2.23
C LYS A 120 10.97 18.43 -3.62
N GLY A 121 10.45 19.27 -4.50
CA GLY A 121 10.10 18.84 -5.84
C GLY A 121 8.89 19.64 -6.26
N GLN A 122 8.77 19.96 -7.55
CA GLN A 122 7.62 20.75 -8.00
C GLN A 122 6.30 20.05 -7.70
N PRO A 123 5.39 20.74 -7.00
CA PRO A 123 4.08 20.19 -6.65
C PRO A 123 3.26 19.95 -7.91
N ARG A 124 2.57 18.81 -7.97
CA ARG A 124 1.72 18.48 -9.10
C ARG A 124 0.33 18.14 -8.59
N GLU A 125 -0.67 18.62 -9.33
CA GLU A 125 -2.07 18.41 -8.98
C GLU A 125 -2.54 16.99 -9.23
N PRO A 126 -3.18 16.39 -8.22
CA PRO A 126 -3.69 15.02 -8.32
C PRO A 126 -4.93 14.96 -9.18
N GLN A 127 -5.02 13.91 -9.99
CA GLN A 127 -6.17 13.70 -10.85
C GLN A 127 -7.00 12.69 -10.08
N VAL A 128 -8.27 13.01 -9.87
CA VAL A 128 -9.15 12.15 -9.08
C VAL A 128 -10.24 11.54 -9.95
N TYR A 129 -10.31 10.20 -9.98
CA TYR A 129 -11.32 9.54 -10.79
C TYR A 129 -12.08 8.51 -9.95
N THR A 130 -13.40 8.63 -9.90
CA THR A 130 -14.20 7.68 -9.14
C THR A 130 -14.54 6.49 -10.06
N LEU A 131 -14.43 5.28 -9.54
CA LEU A 131 -14.69 4.07 -10.32
C LEU A 131 -15.76 3.23 -9.64
N PRO A 132 -16.84 2.93 -10.36
CA PRO A 132 -17.94 2.12 -9.80
C PRO A 132 -17.57 0.66 -9.61
N PRO A 133 -18.33 -0.06 -8.77
CA PRO A 133 -18.09 -1.48 -8.48
C PRO A 133 -18.30 -2.36 -9.70
N SER A 134 -17.52 -3.42 -9.82
CA SER A 134 -17.65 -4.33 -10.94
C SER A 134 -18.99 -5.00 -10.88
N ARG A 135 -19.62 -5.14 -12.04
CA ARG A 135 -20.90 -5.81 -12.17
C ARG A 135 -20.84 -7.20 -11.56
N GLU A 136 -19.65 -7.80 -11.57
CA GLU A 136 -19.46 -9.12 -11.00
C GLU A 136 -19.58 -9.14 -9.47
N GLU A 137 -19.34 -8.00 -8.85
CA GLU A 137 -19.39 -7.89 -7.40
C GLU A 137 -20.83 -7.83 -6.83
N MET A 138 -21.82 -7.59 -7.69
CA MET A 138 -23.21 -7.49 -7.25
C MET A 138 -23.79 -8.76 -6.63
N THR A 139 -23.08 -9.87 -6.75
CA THR A 139 -23.55 -11.11 -6.18
C THR A 139 -23.25 -11.16 -4.68
N LYS A 140 -22.41 -10.23 -4.23
CA LYS A 140 -22.00 -10.14 -2.83
C LYS A 140 -22.97 -9.27 -2.02
N ASN A 141 -22.82 -9.27 -0.69
CA ASN A 141 -23.69 -8.49 0.18
C ASN A 141 -23.36 -6.99 0.22
N GLN A 142 -22.08 -6.67 0.04
CA GLN A 142 -21.62 -5.29 0.07
C GLN A 142 -20.72 -5.08 -1.15
N VAL A 143 -20.61 -3.83 -1.63
CA VAL A 143 -19.81 -3.53 -2.80
C VAL A 143 -18.67 -2.53 -2.57
N SER A 144 -17.75 -2.46 -3.53
CA SER A 144 -16.59 -1.58 -3.44
C SER A 144 -16.62 -0.36 -4.37
N LEU A 145 -16.55 0.83 -3.78
CA LEU A 145 -16.51 2.05 -4.58
C LEU A 145 -15.05 2.47 -4.59
N THR A 146 -14.47 2.62 -5.76
CA THR A 146 -13.08 3.00 -5.86
C THR A 146 -12.91 4.48 -6.17
N CYS A 147 -11.78 5.03 -5.73
CA CYS A 147 -11.40 6.41 -6.00
C CYS A 147 -9.90 6.34 -6.30
N LEU A 148 -9.54 6.70 -7.54
CA LEU A 148 -8.15 6.70 -7.97
C LEU A 148 -7.63 8.13 -7.92
N VAL A 149 -6.60 8.33 -7.14
CA VAL A 149 -6.00 9.65 -7.00
C VAL A 149 -4.58 9.43 -7.51
N LYS A 150 -4.25 10.06 -8.63
CA LYS A 150 -2.93 9.89 -9.23
C LYS A 150 -2.28 11.18 -9.73
N GLY A 151 -0.98 11.09 -10.02
CA GLY A 151 -0.23 12.20 -10.54
C GLY A 151 0.05 13.33 -9.58
N PHE A 152 0.06 13.03 -8.28
CA PHE A 152 0.29 14.06 -7.28
C PHE A 152 1.68 14.10 -6.67
N TYR A 153 2.09 15.30 -6.28
CA TYR A 153 3.37 15.50 -5.64
C TYR A 153 3.31 16.78 -4.80
N PRO A 154 3.75 16.73 -3.53
CA PRO A 154 4.30 15.59 -2.80
C PRO A 154 3.23 14.58 -2.35
N SER A 155 3.67 13.55 -1.64
CA SER A 155 2.76 12.51 -1.17
C SER A 155 1.84 12.93 -0.03
N ASP A 156 2.06 14.10 0.55
CA ASP A 156 1.22 14.60 1.64
C ASP A 156 -0.18 14.82 1.12
N ILE A 157 -1.13 14.04 1.62
CA ILE A 157 -2.51 14.14 1.14
C ILE A 157 -3.53 13.63 2.19
N ALA A 158 -4.81 13.87 1.93
CA ALA A 158 -5.87 13.44 2.81
C ALA A 158 -7.04 13.06 1.93
N VAL A 159 -7.52 11.83 2.08
CA VAL A 159 -8.65 11.34 1.26
C VAL A 159 -9.74 10.78 2.18
N GLU A 160 -10.99 11.23 1.99
CA GLU A 160 -12.13 10.77 2.80
C GLU A 160 -13.36 10.58 1.92
N TRP A 161 -14.41 9.98 2.47
CA TRP A 161 -15.65 9.75 1.71
C TRP A 161 -16.88 10.29 2.45
N GLU A 162 -17.94 10.57 1.70
CA GLU A 162 -19.17 11.09 2.27
C GLU A 162 -20.39 10.85 1.38
N SER A 163 -21.58 11.02 1.96
CA SER A 163 -22.85 10.85 1.27
C SER A 163 -23.89 11.73 1.97
N ASN A 164 -24.53 12.59 1.20
CA ASN A 164 -25.55 13.51 1.71
C ASN A 164 -24.93 14.39 2.78
N GLY A 165 -23.70 14.81 2.54
CA GLY A 165 -23.00 15.67 3.49
C GLY A 165 -22.56 14.97 4.76
N GLN A 166 -22.86 13.68 4.86
CA GLN A 166 -22.48 12.90 6.03
C GLN A 166 -21.26 12.03 5.71
N PRO A 167 -20.27 11.99 6.62
CA PRO A 167 -19.06 11.20 6.44
C PRO A 167 -19.26 9.67 6.47
N GLU A 168 -18.66 8.98 5.50
CA GLU A 168 -18.75 7.52 5.40
C GLU A 168 -17.41 7.02 5.92
N ASN A 169 -17.42 6.30 7.03
CA ASN A 169 -16.20 5.80 7.65
C ASN A 169 -15.76 4.40 7.25
N ASN A 170 -16.55 3.72 6.43
CA ASN A 170 -16.20 2.37 6.04
C ASN A 170 -15.27 2.26 4.83
N TYR A 171 -14.07 2.82 4.93
CA TYR A 171 -13.10 2.76 3.82
C TYR A 171 -11.67 2.48 4.27
N LYS A 172 -10.82 2.13 3.31
CA LYS A 172 -9.41 1.84 3.55
C LYS A 172 -8.68 2.50 2.40
N THR A 173 -7.54 3.12 2.67
CA THR A 173 -6.80 3.78 1.61
C THR A 173 -5.38 3.25 1.54
N THR A 174 -4.92 2.92 0.34
CA THR A 174 -3.57 2.40 0.20
C THR A 174 -2.57 3.49 0.49
N PRO A 175 -1.34 3.13 0.89
CA PRO A 175 -0.38 4.20 1.15
C PRO A 175 0.05 4.71 -0.24
N PRO A 176 0.59 5.93 -0.31
CA PRO A 176 0.99 6.42 -1.62
C PRO A 176 2.06 5.54 -2.24
N VAL A 177 1.92 5.25 -3.53
CA VAL A 177 2.89 4.44 -4.25
C VAL A 177 3.58 5.34 -5.28
N LEU A 178 4.90 5.26 -5.37
CA LEU A 178 5.66 6.07 -6.32
C LEU A 178 5.47 5.56 -7.76
N ASP A 179 4.89 6.39 -8.62
CA ASP A 179 4.65 6.02 -10.03
C ASP A 179 5.93 6.20 -10.87
N SER A 180 5.90 5.70 -12.10
CA SER A 180 7.06 5.78 -13.00
C SER A 180 7.42 7.17 -13.51
N ASP A 181 6.56 8.16 -13.28
CA ASP A 181 6.81 9.52 -13.73
C ASP A 181 7.26 10.45 -12.60
N GLY A 182 7.57 9.87 -11.44
CA GLY A 182 8.02 10.67 -10.32
C GLY A 182 6.89 11.25 -9.49
N SER A 183 5.67 10.87 -9.80
CA SER A 183 4.52 11.35 -9.05
C SER A 183 4.04 10.18 -8.23
N PHE A 184 3.06 10.44 -7.37
CA PHE A 184 2.46 9.43 -6.52
C PHE A 184 0.99 9.19 -6.92
N PHE A 185 0.50 8.01 -6.59
CA PHE A 185 -0.89 7.65 -6.84
C PHE A 185 -1.31 6.73 -5.68
N LEU A 186 -2.61 6.57 -5.50
CA LEU A 186 -3.12 5.69 -4.46
C LEU A 186 -4.55 5.36 -4.84
N TYR A 187 -5.13 4.43 -4.10
CA TYR A 187 -6.49 4.00 -4.34
C TYR A 187 -7.20 3.95 -2.99
N SER A 188 -8.46 4.39 -2.94
CA SER A 188 -9.25 4.36 -1.72
C SER A 188 -10.48 3.54 -2.02
N LYS A 189 -10.82 2.63 -1.12
CA LYS A 189 -11.97 1.76 -1.31
C LYS A 189 -13.01 1.89 -0.22
N LEU A 190 -14.21 2.31 -0.59
CA LEU A 190 -15.32 2.44 0.34
C LEU A 190 -16.23 1.25 0.09
N THR A 191 -16.61 0.54 1.16
CA THR A 191 -17.47 -0.61 1.07
C THR A 191 -18.87 -0.25 1.57
N VAL A 192 -19.88 -0.43 0.73
CA VAL A 192 -21.25 -0.09 1.11
C VAL A 192 -22.22 -1.23 0.86
N ASP A 193 -23.33 -1.25 1.61
CA ASP A 193 -24.34 -2.28 1.44
C ASP A 193 -24.86 -2.18 0.02
N LYS A 194 -24.86 -3.32 -0.67
CA LYS A 194 -25.29 -3.37 -2.05
C LYS A 194 -26.60 -2.65 -2.25
N SER A 195 -27.51 -2.77 -1.30
CA SER A 195 -28.80 -2.10 -1.39
C SER A 195 -28.64 -0.60 -1.58
N ARG A 196 -27.75 0.00 -0.81
CA ARG A 196 -27.51 1.43 -0.87
C ARG A 196 -27.06 1.87 -2.26
N TRP A 197 -26.19 1.08 -2.88
CA TRP A 197 -25.69 1.40 -4.21
C TRP A 197 -26.79 1.32 -5.27
N GLN A 198 -27.50 0.20 -5.30
CA GLN A 198 -28.57 -0.07 -6.26
C GLN A 198 -29.75 0.91 -6.17
N GLN A 199 -29.83 1.63 -5.06
CA GLN A 199 -30.88 2.61 -4.85
C GLN A 199 -30.62 4.01 -5.39
N GLY A 200 -29.46 4.23 -5.99
CA GLY A 200 -29.15 5.55 -6.54
C GLY A 200 -28.46 6.55 -5.64
N ASN A 201 -28.08 6.13 -4.43
CA ASN A 201 -27.39 6.99 -3.48
C ASN A 201 -26.10 7.56 -4.04
N VAL A 202 -25.89 8.86 -3.81
CA VAL A 202 -24.69 9.51 -4.30
C VAL A 202 -23.60 9.56 -3.24
N PHE A 203 -22.43 9.07 -3.61
CA PHE A 203 -21.28 9.04 -2.73
C PHE A 203 -20.19 9.93 -3.34
N SER A 204 -19.39 10.56 -2.49
CA SER A 204 -18.32 11.43 -2.95
C SER A 204 -16.97 11.12 -2.31
N CYS A 205 -15.91 11.33 -3.09
CA CYS A 205 -14.53 11.12 -2.66
C CYS A 205 -13.91 12.51 -2.49
N SER A 206 -13.57 12.85 -1.25
CA SER A 206 -12.99 14.14 -0.93
C SER A 206 -11.48 14.04 -0.81
N VAL A 207 -10.78 14.82 -1.62
CA VAL A 207 -9.31 14.83 -1.60
C VAL A 207 -8.77 16.22 -1.27
N MET A 208 -7.78 16.27 -0.40
CA MET A 208 -7.11 17.52 0.00
C MET A 208 -5.61 17.42 -0.30
N HIS A 209 -5.12 18.38 -1.09
CA HIS A 209 -3.71 18.44 -1.48
C HIS A 209 -3.37 19.89 -1.82
N GLU A 210 -2.13 20.29 -1.62
CA GLU A 210 -1.70 21.66 -1.88
C GLU A 210 -1.81 22.17 -3.31
N ALA A 211 -1.73 21.27 -4.28
CA ALA A 211 -1.79 21.61 -5.69
C ALA A 211 -3.19 21.74 -6.27
N LEU A 212 -4.21 21.41 -5.47
CA LEU A 212 -5.59 21.50 -5.93
C LEU A 212 -6.04 22.93 -5.70
N HIS A 213 -7.05 23.36 -6.46
CA HIS A 213 -7.56 24.71 -6.25
C HIS A 213 -8.16 24.73 -4.85
N ASN A 214 -7.70 25.66 -4.01
CA ASN A 214 -8.18 25.76 -2.65
C ASN A 214 -7.92 24.47 -1.85
N HIS A 215 -6.89 23.72 -2.24
CA HIS A 215 -6.48 22.49 -1.57
C HIS A 215 -7.56 21.43 -1.46
N TYR A 216 -8.62 21.55 -2.23
CA TYR A 216 -9.70 20.61 -2.12
C TYR A 216 -10.32 20.31 -3.47
N THR A 217 -10.97 19.16 -3.56
CA THR A 217 -11.69 18.72 -4.73
C THR A 217 -12.53 17.55 -4.24
N GLN A 218 -13.69 17.37 -4.85
CA GLN A 218 -14.62 16.33 -4.47
C GLN A 218 -15.15 15.72 -5.75
N LYS A 219 -15.16 14.39 -5.84
CA LYS A 219 -15.67 13.72 -7.04
C LYS A 219 -16.74 12.73 -6.62
N SER A 220 -17.92 12.87 -7.23
CA SER A 220 -19.08 12.03 -6.93
C SER A 220 -19.16 10.74 -7.75
N LEU A 221 -19.96 9.80 -7.25
CA LEU A 221 -20.15 8.49 -7.88
C LEU A 221 -21.54 7.98 -7.52
N SER A 222 -22.28 7.50 -8.51
CA SER A 222 -23.63 6.97 -8.27
C SER A 222 -23.96 6.03 -9.43
N LEU A 223 -25.04 5.28 -9.30
CA LEU A 223 -25.44 4.35 -10.35
C LEU A 223 -25.77 4.99 -11.71
N ARG B 200 -17.96 31.96 -9.34
CA ARG B 200 -17.01 33.03 -8.93
C ARG B 200 -17.00 33.21 -7.42
N GLY B 201 -16.04 33.99 -6.92
CA GLY B 201 -15.95 34.22 -5.50
C GLY B 201 -15.40 33.07 -4.67
N VAL B 202 -15.77 33.07 -3.39
CA VAL B 202 -15.31 32.05 -2.46
C VAL B 202 -16.47 31.35 -1.77
N THR B 203 -16.31 30.05 -1.51
CA THR B 203 -17.33 29.28 -0.80
C THR B 203 -16.71 28.79 0.50
N VAL B 204 -17.42 28.97 1.61
CA VAL B 204 -16.92 28.52 2.90
C VAL B 204 -17.96 27.60 3.52
N ARG B 205 -17.51 26.45 3.99
CA ARG B 205 -18.39 25.48 4.63
C ARG B 205 -17.84 25.17 6.02
N MET B 206 -18.71 25.25 7.01
CA MET B 206 -18.31 24.98 8.40
C MET B 206 -19.04 23.78 8.97
N GLU B 207 -18.34 23.02 9.80
CA GLU B 207 -18.89 21.83 10.44
C GLU B 207 -18.48 21.78 11.91
N THR B 208 -19.44 21.55 12.79
CA THR B 208 -19.13 21.44 14.22
C THR B 208 -20.35 21.03 15.01
N PRO B 209 -20.12 20.31 16.12
CA PRO B 209 -21.24 19.89 16.96
C PRO B 209 -21.88 21.15 17.53
N GLU B 210 -23.14 21.08 17.92
CA GLU B 210 -23.84 22.25 18.45
C GLU B 210 -23.62 22.46 19.95
N ALA B 211 -23.02 21.48 20.61
CA ALA B 211 -22.79 21.61 22.04
C ALA B 211 -21.62 20.81 22.60
N ILE B 212 -20.99 21.38 23.62
CA ILE B 212 -19.89 20.73 24.30
C ILE B 212 -20.20 20.85 25.80
N LEU B 213 -20.50 19.73 26.43
CA LEU B 213 -20.77 19.73 27.86
C LEU B 213 -19.47 19.38 28.57
N PHE B 214 -19.10 20.19 29.56
CA PHE B 214 -17.88 19.94 30.30
C PHE B 214 -18.11 20.00 31.81
N SER B 215 -17.22 19.36 32.55
CA SER B 215 -17.30 19.38 34.00
C SER B 215 -16.11 20.23 34.42
N PRO B 216 -16.28 21.05 35.48
CA PRO B 216 -15.19 21.92 35.95
C PRO B 216 -13.87 21.17 36.17
N GLY B 217 -12.78 21.79 35.71
CA GLY B 217 -11.47 21.18 35.86
C GLY B 217 -10.97 20.48 34.61
N GLU B 218 -11.88 20.18 33.69
CA GLU B 218 -11.50 19.50 32.46
C GLU B 218 -10.82 20.44 31.48
N THR B 219 -10.00 19.86 30.61
CA THR B 219 -9.31 20.62 29.58
C THR B 219 -9.83 20.03 28.27
N PHE B 220 -10.24 20.89 27.36
CA PHE B 220 -10.76 20.42 26.09
C PHE B 220 -10.65 21.53 25.07
N SER B 221 -11.05 21.24 23.84
CA SER B 221 -11.01 22.26 22.80
C SER B 221 -12.17 22.03 21.85
N THR B 222 -12.51 23.06 21.08
CA THR B 222 -13.60 22.94 20.13
C THR B 222 -13.06 22.12 18.97
N ASN B 223 -13.98 21.63 18.14
CA ASN B 223 -13.59 20.80 17.01
C ASN B 223 -14.37 21.26 15.78
N VAL B 224 -14.14 22.52 15.41
CA VAL B 224 -14.79 23.11 14.25
C VAL B 224 -13.97 22.79 13.03
N SER B 225 -14.64 22.50 11.92
CA SER B 225 -13.97 22.21 10.67
C SER B 225 -14.41 23.27 9.68
N ILE B 226 -13.44 23.89 9.01
CA ILE B 226 -13.75 24.94 8.04
C ILE B 226 -12.95 24.77 6.76
N HIS B 227 -13.65 24.69 5.63
CA HIS B 227 -13.00 24.56 4.33
C HIS B 227 -13.36 25.76 3.47
N ALA B 228 -12.40 26.27 2.73
CA ALA B 228 -12.65 27.41 1.87
C ALA B 228 -12.24 27.05 0.45
N ILE B 229 -13.11 27.35 -0.51
CA ILE B 229 -12.83 27.05 -1.91
C ILE B 229 -12.89 28.34 -2.73
N ALA B 230 -11.76 28.74 -3.29
CA ALA B 230 -11.71 29.94 -4.13
C ALA B 230 -12.01 29.51 -5.56
N HIS B 231 -13.13 29.97 -6.11
CA HIS B 231 -13.54 29.61 -7.46
C HIS B 231 -12.85 30.40 -8.57
N ASP B 232 -12.17 31.48 -8.22
CA ASP B 232 -11.45 32.28 -9.20
C ASP B 232 -10.09 32.67 -8.64
N ASP B 233 -9.37 33.56 -9.33
CA ASP B 233 -8.05 33.99 -8.87
C ASP B 233 -8.06 35.37 -8.22
N GLN B 234 -9.23 35.83 -7.81
CA GLN B 234 -9.32 37.14 -7.17
C GLN B 234 -8.75 37.05 -5.77
N THR B 235 -8.09 38.10 -5.32
CA THR B 235 -7.51 38.13 -3.99
C THR B 235 -8.61 38.45 -2.99
N TYR B 236 -8.54 37.87 -1.80
CA TYR B 236 -9.55 38.13 -0.78
C TYR B 236 -8.97 38.13 0.62
N SER B 237 -9.71 38.69 1.56
CA SER B 237 -9.28 38.71 2.95
C SER B 237 -10.24 37.79 3.68
N MET B 238 -9.82 37.26 4.82
CA MET B 238 -10.70 36.38 5.60
C MET B 238 -10.51 36.64 7.08
N ASP B 239 -11.58 36.50 7.84
CA ASP B 239 -11.55 36.68 9.28
C ASP B 239 -12.38 35.57 9.92
N VAL B 240 -11.78 34.82 10.84
CA VAL B 240 -12.51 33.78 11.54
C VAL B 240 -12.74 34.40 12.92
N VAL B 241 -13.99 34.72 13.19
CA VAL B 241 -14.34 35.39 14.44
C VAL B 241 -15.14 34.55 15.42
N TRP B 242 -14.73 34.60 16.68
CA TRP B 242 -15.42 33.90 17.75
C TRP B 242 -16.16 34.92 18.61
N LEU B 243 -17.46 34.71 18.78
CA LEU B 243 -18.29 35.56 19.61
C LEU B 243 -18.78 34.74 20.79
N ARG B 244 -18.88 35.38 21.96
CA ARG B 244 -19.34 34.71 23.16
C ARG B 244 -20.55 35.49 23.74
N PHE B 245 -21.60 34.75 24.07
CA PHE B 245 -22.81 35.36 24.62
C PHE B 245 -23.15 34.80 25.99
N ASP B 246 -23.49 35.70 26.89
CA ASP B 246 -23.88 35.33 28.25
C ASP B 246 -25.23 34.63 28.18
N VAL B 247 -25.37 33.57 28.96
CA VAL B 247 -26.61 32.80 29.02
C VAL B 247 -27.13 32.87 30.45
N PRO B 248 -28.07 33.81 30.70
CA PRO B 248 -28.63 33.96 32.04
C PRO B 248 -29.29 32.69 32.53
N THR B 249 -29.22 32.48 33.84
CA THR B 249 -29.81 31.31 34.49
C THR B 249 -31.31 31.28 34.26
N SER B 250 -31.92 32.46 34.26
CA SER B 250 -33.36 32.57 34.09
C SER B 250 -33.87 32.38 32.67
N CYS B 251 -32.96 32.24 31.70
CA CYS B 251 -33.37 32.01 30.31
C CYS B 251 -33.76 30.56 30.12
N ALA B 252 -34.87 30.32 29.44
CA ALA B 252 -35.33 28.95 29.17
C ALA B 252 -34.50 28.42 28.02
N GLU B 253 -34.13 29.32 27.12
CA GLU B 253 -33.32 28.95 25.97
C GLU B 253 -32.75 30.23 25.36
N MET B 254 -31.70 30.08 24.56
CA MET B 254 -31.08 31.22 23.90
C MET B 254 -31.63 31.27 22.49
N ARG B 255 -31.81 32.48 21.96
CA ARG B 255 -32.31 32.63 20.61
C ARG B 255 -31.29 33.36 19.75
N ILE B 256 -30.89 32.74 18.65
CA ILE B 256 -29.92 33.34 17.74
C ILE B 256 -30.69 33.96 16.57
N TYR B 257 -30.58 35.28 16.42
CA TYR B 257 -31.26 35.96 15.33
C TYR B 257 -30.33 35.88 14.11
N GLU B 258 -30.53 34.85 13.29
CA GLU B 258 -29.68 34.65 12.12
C GLU B 258 -29.52 35.83 11.17
N SER B 259 -30.64 36.43 10.75
CA SER B 259 -30.57 37.54 9.83
C SER B 259 -29.79 38.70 10.44
N CYS B 260 -29.85 38.82 11.76
CA CYS B 260 -29.14 39.89 12.46
C CYS B 260 -27.62 39.77 12.39
N LEU B 261 -27.12 38.55 12.25
CA LEU B 261 -25.68 38.36 12.17
C LEU B 261 -25.10 39.14 10.98
N TYR B 262 -25.91 39.29 9.94
CA TYR B 262 -25.46 40.00 8.75
C TYR B 262 -25.57 41.51 8.83
N HIS B 263 -26.40 42.01 9.74
CA HIS B 263 -26.57 43.45 9.94
C HIS B 263 -26.84 43.71 11.43
N PRO B 264 -25.83 43.45 12.28
CA PRO B 264 -25.91 43.63 13.72
C PRO B 264 -26.10 45.06 14.20
N GLN B 265 -26.11 46.00 13.26
CA GLN B 265 -26.30 47.41 13.60
C GLN B 265 -27.72 47.91 13.36
N LEU B 266 -28.62 47.04 12.91
CA LEU B 266 -30.01 47.46 12.70
C LEU B 266 -30.66 47.60 14.06
N PRO B 267 -31.64 48.51 14.19
CA PRO B 267 -32.35 48.74 15.47
C PRO B 267 -32.85 47.49 16.16
N GLU B 268 -33.56 46.64 15.42
CA GLU B 268 -34.12 45.41 15.98
C GLU B 268 -33.03 44.42 16.40
N CYS B 269 -31.83 44.58 15.87
CA CYS B 269 -30.74 43.68 16.23
C CYS B 269 -29.96 44.23 17.42
N LEU B 270 -29.85 45.55 17.51
CA LEU B 270 -29.13 46.16 18.61
C LEU B 270 -29.92 46.05 19.91
N SER B 271 -31.24 46.03 19.78
CA SER B 271 -32.13 45.92 20.94
C SER B 271 -33.08 44.73 20.73
N PRO B 272 -32.53 43.49 20.76
CA PRO B 272 -33.34 42.28 20.56
C PRO B 272 -34.52 42.12 21.51
N ALA B 273 -35.66 41.74 20.93
CA ALA B 273 -36.90 41.55 21.69
C ALA B 273 -36.78 40.51 22.78
N ASP B 274 -35.97 39.48 22.55
CA ASP B 274 -35.80 38.43 23.55
C ASP B 274 -34.63 38.81 24.46
N ALA B 275 -34.35 40.11 24.43
CA ALA B 275 -33.30 40.84 25.14
C ALA B 275 -32.24 40.12 25.95
N PRO B 276 -32.61 39.53 27.10
CA PRO B 276 -31.53 38.86 27.85
C PRO B 276 -31.06 37.52 27.29
N CYS B 277 -31.94 36.88 26.51
CA CYS B 277 -31.64 35.56 25.96
C CYS B 277 -31.48 35.55 24.44
N ALA B 278 -30.95 36.64 23.88
CA ALA B 278 -30.78 36.70 22.44
C ALA B 278 -29.35 36.99 21.98
N ALA B 279 -28.92 36.30 20.93
CA ALA B 279 -27.61 36.51 20.34
C ALA B 279 -27.96 37.19 19.00
N SER B 280 -27.82 38.51 18.94
CA SER B 280 -28.19 39.24 17.73
C SER B 280 -27.27 40.40 17.37
N THR B 281 -26.33 40.72 18.26
CA THR B 281 -25.39 41.80 17.99
C THR B 281 -24.24 41.62 18.97
N TRP B 282 -23.16 42.35 18.74
CA TRP B 282 -22.02 42.24 19.64
C TRP B 282 -21.17 43.51 19.60
N THR B 283 -20.28 43.61 20.57
CA THR B 283 -19.37 44.74 20.68
C THR B 283 -17.98 44.09 20.66
N SER B 284 -17.57 43.53 21.79
CA SER B 284 -16.28 42.86 21.88
C SER B 284 -16.34 41.53 21.13
N ARG B 285 -15.23 41.16 20.52
CA ARG B 285 -15.10 39.89 19.81
C ARG B 285 -14.15 39.07 20.69
N LEU B 286 -14.55 37.86 21.07
CA LEU B 286 -13.71 37.02 21.92
C LEU B 286 -12.34 36.74 21.30
N ALA B 287 -12.34 36.42 20.01
CA ALA B 287 -11.09 36.14 19.32
C ALA B 287 -11.29 36.29 17.83
N VAL B 288 -10.22 36.65 17.13
CA VAL B 288 -10.24 36.84 15.70
C VAL B 288 -8.91 36.42 15.08
N ARG B 289 -8.97 35.56 14.07
CA ARG B 289 -7.77 35.15 13.36
C ARG B 289 -7.99 35.72 11.97
N SER B 290 -7.09 36.60 11.54
CA SER B 290 -7.22 37.25 10.25
C SER B 290 -6.26 36.74 9.19
N TYR B 291 -6.70 36.83 7.94
CA TYR B 291 -5.93 36.37 6.79
C TYR B 291 -5.95 37.47 5.73
N ALA B 292 -4.82 37.70 5.07
CA ALA B 292 -4.77 38.74 4.06
C ALA B 292 -3.97 38.29 2.84
N GLY B 293 -4.35 38.81 1.69
CA GLY B 293 -3.67 38.45 0.44
C GLY B 293 -3.94 37.01 0.06
N CYS B 294 -5.08 36.48 0.48
CA CYS B 294 -5.46 35.11 0.16
C CYS B 294 -5.90 34.95 -1.28
N SER B 295 -5.73 33.75 -1.82
CA SER B 295 -6.15 33.45 -3.18
C SER B 295 -6.15 31.95 -3.37
N ARG B 296 -6.61 31.51 -4.53
CA ARG B 296 -6.66 30.10 -4.85
C ARG B 296 -5.27 29.50 -4.78
N THR B 297 -4.27 30.32 -5.14
CA THR B 297 -2.88 29.87 -5.15
C THR B 297 -2.12 30.19 -3.86
N ASN B 298 -2.67 31.06 -3.02
CA ASN B 298 -2.07 31.41 -1.72
C ASN B 298 -3.24 31.22 -0.75
N PRO B 299 -3.67 29.96 -0.58
CA PRO B 299 -4.77 29.50 0.28
C PRO B 299 -4.62 29.72 1.77
N PRO B 300 -5.75 30.03 2.44
CA PRO B 300 -6.03 30.32 3.84
C PRO B 300 -4.96 30.04 4.87
N PRO B 301 -4.38 28.83 4.87
CA PRO B 301 -3.36 28.69 5.92
C PRO B 301 -2.17 29.62 5.62
N ARG B 302 -1.73 29.61 4.36
CA ARG B 302 -0.59 30.39 3.95
C ARG B 302 -0.76 31.91 4.02
N CYS B 303 -2.00 32.38 3.97
CA CYS B 303 -2.24 33.81 4.02
C CYS B 303 -2.55 34.34 5.41
N SER B 304 -2.25 33.54 6.43
CA SER B 304 -2.45 33.94 7.83
C SER B 304 -1.70 35.24 8.05
N ALA B 305 -2.32 36.17 8.77
CA ALA B 305 -1.70 37.47 9.02
C ALA B 305 -1.68 37.88 10.49
N GLU B 306 -2.84 37.97 11.11
CA GLU B 306 -2.90 38.38 12.51
C GLU B 306 -3.84 37.50 13.33
N ALA B 307 -3.70 37.61 14.64
CA ALA B 307 -4.55 36.84 15.57
C ALA B 307 -4.71 37.64 16.85
N HIS B 308 -5.93 37.73 17.34
CA HIS B 308 -6.24 38.46 18.55
C HIS B 308 -7.13 37.62 19.45
N MET B 309 -6.99 37.79 20.75
CA MET B 309 -7.82 37.04 21.69
C MET B 309 -7.93 37.85 22.98
N GLU B 310 -9.14 37.93 23.50
CA GLU B 310 -9.36 38.67 24.72
C GLU B 310 -8.73 37.93 25.89
N PRO B 311 -8.29 38.67 26.92
CA PRO B 311 -7.67 38.00 28.06
C PRO B 311 -8.76 37.29 28.85
N VAL B 312 -8.75 35.96 28.77
CA VAL B 312 -9.74 35.16 29.46
C VAL B 312 -9.00 34.03 30.17
N PRO B 313 -9.12 33.96 31.50
CA PRO B 313 -8.45 32.92 32.28
C PRO B 313 -8.71 31.54 31.69
N GLY B 314 -7.65 30.81 31.38
CA GLY B 314 -7.80 29.47 30.84
C GLY B 314 -8.17 29.32 29.38
N LEU B 315 -8.40 30.42 28.68
CA LEU B 315 -8.75 30.35 27.25
C LEU B 315 -7.50 30.60 26.40
N ALA B 316 -7.39 29.93 25.26
CA ALA B 316 -6.24 30.11 24.38
C ALA B 316 -6.45 29.47 23.01
N TRP B 317 -5.65 29.91 22.03
CA TRP B 317 -5.70 29.38 20.66
C TRP B 317 -4.77 28.16 20.67
N GLN B 318 -5.22 27.04 20.10
CA GLN B 318 -4.40 25.85 20.08
C GLN B 318 -3.28 25.85 19.03
N ALA B 319 -2.60 26.98 18.88
CA ALA B 319 -1.50 27.14 17.94
C ALA B 319 -1.85 26.76 16.51
N ALA B 320 -1.74 27.73 15.62
CA ALA B 320 -2.03 27.53 14.20
C ALA B 320 -3.38 26.86 13.97
N SER B 321 -4.36 27.18 14.81
CA SER B 321 -5.70 26.59 14.68
C SER B 321 -6.79 27.61 14.95
N VAL B 322 -7.99 27.36 14.40
CA VAL B 322 -9.12 28.27 14.62
C VAL B 322 -9.92 27.81 15.83
N ASN B 323 -9.56 26.64 16.37
CA ASN B 323 -10.29 26.14 17.53
C ASN B 323 -9.87 26.80 18.82
N LEU B 324 -10.80 26.80 19.78
CA LEU B 324 -10.55 27.38 21.09
C LEU B 324 -10.22 26.27 22.07
N GLU B 325 -9.26 26.54 22.95
CA GLU B 325 -8.87 25.55 23.94
C GLU B 325 -9.18 26.07 25.34
N PHE B 326 -9.83 25.25 26.14
CA PHE B 326 -10.18 25.60 27.52
C PHE B 326 -9.41 24.73 28.51
N ARG B 327 -8.57 25.36 29.33
CA ARG B 327 -7.77 24.65 30.33
C ARG B 327 -8.36 24.86 31.72
N ASP B 328 -8.47 23.77 32.49
CA ASP B 328 -9.04 23.83 33.83
C ASP B 328 -10.35 24.62 33.75
N ALA B 329 -11.20 24.20 32.82
CA ALA B 329 -12.49 24.86 32.59
C ALA B 329 -13.27 25.08 33.88
N SER B 330 -13.97 26.21 33.95
CA SER B 330 -14.77 26.52 35.13
C SER B 330 -16.09 27.11 34.64
N PRO B 331 -17.08 27.22 35.54
CA PRO B 331 -18.38 27.79 35.16
C PRO B 331 -18.32 29.13 34.43
N GLN B 332 -17.25 29.90 34.68
CA GLN B 332 -17.10 31.21 34.04
C GLN B 332 -17.02 31.07 32.52
N HIS B 333 -16.65 29.88 32.03
CA HIS B 333 -16.52 29.65 30.60
C HIS B 333 -17.80 29.26 29.88
N SER B 334 -18.83 28.94 30.65
CA SER B 334 -20.11 28.53 30.06
C SER B 334 -20.79 29.65 29.31
N GLY B 335 -21.36 29.33 28.15
CA GLY B 335 -22.05 30.34 27.38
C GLY B 335 -22.33 29.89 25.97
N LEU B 336 -22.89 30.79 25.17
CA LEU B 336 -23.18 30.47 23.79
C LEU B 336 -22.07 31.07 22.93
N TYR B 337 -21.39 30.20 22.18
CA TYR B 337 -20.30 30.64 21.31
C TYR B 337 -20.66 30.51 19.84
N LEU B 338 -20.28 31.52 19.06
CA LEU B 338 -20.52 31.53 17.64
C LEU B 338 -19.20 31.71 16.89
N CYS B 339 -19.01 30.93 15.84
CA CYS B 339 -17.81 31.04 15.02
C CYS B 339 -18.33 31.58 13.70
N VAL B 340 -17.85 32.76 13.32
CA VAL B 340 -18.30 33.39 12.09
C VAL B 340 -17.14 33.62 11.14
N VAL B 341 -17.29 33.20 9.90
CA VAL B 341 -16.23 33.38 8.92
C VAL B 341 -16.58 34.46 7.91
N TYR B 342 -15.74 35.48 7.85
CA TYR B 342 -15.92 36.57 6.90
C TYR B 342 -14.93 36.46 5.75
N VAL B 343 -15.38 36.81 4.56
CA VAL B 343 -14.51 36.85 3.39
C VAL B 343 -14.81 38.25 2.82
N ASN B 344 -13.80 39.10 2.76
CA ASN B 344 -13.98 40.47 2.28
C ASN B 344 -15.07 41.18 3.07
N ASP B 345 -15.01 40.99 4.38
CA ASP B 345 -15.94 41.62 5.33
C ASP B 345 -17.42 41.24 5.21
N HIS B 346 -17.70 40.08 4.62
CA HIS B 346 -19.07 39.60 4.50
C HIS B 346 -19.11 38.16 5.00
N ILE B 347 -20.07 37.85 5.86
CA ILE B 347 -20.17 36.50 6.39
C ILE B 347 -20.42 35.46 5.30
N HIS B 348 -19.54 34.46 5.24
CA HIS B 348 -19.67 33.37 4.27
C HIS B 348 -20.07 32.05 4.92
N ALA B 349 -19.95 31.98 6.24
CA ALA B 349 -20.33 30.78 6.97
C ALA B 349 -20.37 31.11 8.45
N TRP B 350 -21.16 30.37 9.21
CA TRP B 350 -21.22 30.59 10.65
C TRP B 350 -21.78 29.36 11.34
N GLY B 351 -21.47 29.20 12.62
CA GLY B 351 -21.97 28.08 13.37
C GLY B 351 -22.01 28.43 14.84
N HIS B 352 -22.78 27.67 15.63
CA HIS B 352 -22.86 27.95 17.06
C HIS B 352 -22.56 26.70 17.88
N ILE B 353 -21.99 26.93 19.06
CA ILE B 353 -21.68 25.86 19.99
C ILE B 353 -22.00 26.31 21.41
N THR B 354 -22.90 25.60 22.09
CA THR B 354 -23.18 25.94 23.47
C THR B 354 -22.15 25.14 24.26
N ILE B 355 -21.24 25.86 24.89
CA ILE B 355 -20.17 25.25 25.68
C ILE B 355 -20.45 25.55 27.14
N SER B 356 -20.75 24.52 27.91
CA SER B 356 -21.08 24.75 29.31
C SER B 356 -21.16 23.50 30.17
N THR B 357 -21.39 23.73 31.46
CA THR B 357 -21.56 22.66 32.42
C THR B 357 -23.03 22.27 32.28
N ALA B 358 -23.40 21.10 32.77
CA ALA B 358 -24.77 20.64 32.66
C ALA B 358 -25.79 21.57 33.32
N ALA B 359 -25.47 22.04 34.52
CA ALA B 359 -26.38 22.91 35.26
C ALA B 359 -26.63 24.26 34.60
N GLN B 360 -25.62 24.77 33.88
CA GLN B 360 -25.72 26.06 33.21
C GLN B 360 -26.25 25.99 31.79
N TYR B 361 -26.27 24.80 31.24
CA TYR B 361 -26.72 24.59 29.86
C TYR B 361 -28.16 25.00 29.54
N ARG B 362 -28.33 25.69 28.43
CA ARG B 362 -29.65 26.08 27.95
C ARG B 362 -29.62 25.86 26.44
N ASN B 363 -30.63 25.17 25.92
CA ASN B 363 -30.70 24.91 24.49
C ASN B 363 -30.70 26.22 23.71
N ALA B 364 -29.98 26.23 22.59
CA ALA B 364 -29.90 27.41 21.72
C ALA B 364 -30.77 27.14 20.51
N VAL B 365 -31.61 28.10 20.15
CA VAL B 365 -32.50 27.95 19.01
C VAL B 365 -32.24 29.02 17.96
N VAL B 366 -32.10 28.59 16.70
CA VAL B 366 -31.85 29.53 15.62
C VAL B 366 -33.17 30.07 15.08
N GLU B 367 -33.36 31.38 15.24
CA GLU B 367 -34.57 32.04 14.74
C GLU B 367 -34.26 32.45 13.31
N GLN B 368 -34.92 31.82 12.35
CA GLN B 368 -34.68 32.12 10.95
C GLN B 368 -35.89 32.59 10.16
N PRO B 369 -35.65 33.20 8.99
CA PRO B 369 -36.77 33.67 8.17
C PRO B 369 -37.52 32.47 7.65
N LEU B 370 -38.63 32.69 6.97
CA LEU B 370 -39.40 31.59 6.40
C LEU B 370 -38.49 30.88 5.40
N GLY C 17 28.94 -9.21 17.58
CA GLY C 17 28.49 -10.61 17.36
C GLY C 17 27.65 -10.71 16.10
N PRO C 18 27.61 -11.88 15.45
CA PRO C 18 26.83 -12.10 14.23
C PRO C 18 25.33 -11.94 14.46
N SER C 19 24.59 -11.64 13.40
CA SER C 19 23.14 -11.50 13.47
C SER C 19 22.55 -12.42 12.43
N VAL C 20 21.33 -12.88 12.67
CA VAL C 20 20.67 -13.81 11.76
C VAL C 20 19.31 -13.33 11.26
N PHE C 21 19.03 -13.59 9.99
CA PHE C 21 17.75 -13.21 9.38
C PHE C 21 17.28 -14.37 8.53
N LEU C 22 16.06 -14.85 8.81
CA LEU C 22 15.46 -15.99 8.10
C LEU C 22 14.35 -15.55 7.14
N PHE C 23 14.54 -15.81 5.85
CA PHE C 23 13.57 -15.39 4.84
C PHE C 23 12.69 -16.49 4.22
N PRO C 24 11.39 -16.21 4.02
CA PRO C 24 10.47 -17.19 3.43
C PRO C 24 10.68 -17.25 1.93
N PRO C 25 10.15 -18.29 1.27
CA PRO C 25 10.32 -18.39 -0.18
C PRO C 25 9.43 -17.38 -0.89
N LYS C 26 9.71 -17.15 -2.17
CA LYS C 26 8.93 -16.21 -2.99
C LYS C 26 7.55 -16.77 -3.25
N PRO C 27 6.53 -15.91 -3.27
CA PRO C 27 5.15 -16.37 -3.51
C PRO C 27 5.02 -17.20 -4.78
N LYS C 28 5.60 -16.72 -5.88
CA LYS C 28 5.53 -17.43 -7.16
C LYS C 28 6.20 -18.81 -7.13
N ASP C 29 7.20 -19.00 -6.29
CA ASP C 29 7.90 -20.28 -6.20
C ASP C 29 7.09 -21.32 -5.43
N THR C 30 6.22 -20.86 -4.54
CA THR C 30 5.41 -21.77 -3.74
C THR C 30 4.12 -22.15 -4.46
N LEU C 31 3.65 -21.23 -5.30
CA LEU C 31 2.41 -21.39 -6.07
C LEU C 31 2.52 -22.07 -7.44
N MET C 32 3.73 -22.08 -8.01
CA MET C 32 3.96 -22.72 -9.31
C MET C 32 4.75 -24.01 -9.12
N ILE C 33 4.19 -25.11 -9.59
CA ILE C 33 4.81 -26.43 -9.48
C ILE C 33 6.05 -26.54 -10.37
N SER C 34 6.18 -25.60 -11.30
CA SER C 34 7.34 -25.60 -12.18
C SER C 34 8.54 -24.87 -11.58
N ARG C 35 8.43 -24.41 -10.34
CA ARG C 35 9.51 -23.69 -9.65
C ARG C 35 9.90 -24.37 -8.35
N THR C 36 11.04 -23.98 -7.80
CA THR C 36 11.57 -24.57 -6.56
C THR C 36 11.78 -23.57 -5.43
N PRO C 37 10.82 -23.52 -4.49
CA PRO C 37 10.83 -22.63 -3.33
C PRO C 37 11.93 -22.99 -2.34
N GLU C 38 12.45 -21.99 -1.64
CA GLU C 38 13.50 -22.23 -0.66
C GLU C 38 13.51 -21.20 0.45
N VAL C 39 13.94 -21.63 1.63
CA VAL C 39 14.06 -20.76 2.80
C VAL C 39 15.54 -20.39 2.88
N THR C 40 15.82 -19.12 3.13
CA THR C 40 17.20 -18.64 3.20
C THR C 40 17.59 -18.12 4.57
N CYS C 41 18.58 -18.76 5.20
CA CYS C 41 19.08 -18.33 6.51
C CYS C 41 20.35 -17.51 6.29
N VAL C 42 20.24 -16.18 6.46
CA VAL C 42 21.36 -15.24 6.26
C VAL C 42 22.03 -14.84 7.57
N VAL C 43 23.34 -14.97 7.63
CA VAL C 43 24.09 -14.61 8.82
C VAL C 43 25.01 -13.44 8.47
N VAL C 44 24.77 -12.29 9.08
CA VAL C 44 25.58 -11.11 8.83
C VAL C 44 26.52 -10.83 10.00
N ASP C 45 27.44 -9.89 9.80
CA ASP C 45 28.39 -9.53 10.82
C ASP C 45 29.25 -10.73 11.25
N VAL C 46 29.53 -11.61 10.31
CA VAL C 46 30.38 -12.76 10.58
C VAL C 46 31.79 -12.15 10.57
N SER C 47 32.61 -12.49 11.56
CA SER C 47 33.96 -11.93 11.67
C SER C 47 35.03 -12.61 10.85
N HIS C 48 36.05 -11.83 10.47
CA HIS C 48 37.16 -12.36 9.68
C HIS C 48 38.00 -13.33 10.46
N GLU C 49 38.01 -13.17 11.79
CA GLU C 49 38.80 -14.03 12.65
C GLU C 49 38.15 -15.36 12.98
N ASP C 50 36.82 -15.42 12.91
CA ASP C 50 36.08 -16.66 13.17
C ASP C 50 34.86 -16.73 12.27
N PRO C 51 35.05 -17.06 10.98
CA PRO C 51 33.97 -17.15 10.01
C PRO C 51 33.29 -18.51 9.93
N GLU C 52 33.81 -19.49 10.68
CA GLU C 52 33.22 -20.83 10.69
C GLU C 52 31.85 -20.76 11.34
N VAL C 53 30.83 -21.07 10.55
CA VAL C 53 29.45 -21.04 11.03
C VAL C 53 28.78 -22.39 10.79
N LYS C 54 28.21 -22.94 11.87
CA LYS C 54 27.50 -24.21 11.79
C LYS C 54 25.99 -23.98 11.71
N PHE C 55 25.33 -24.69 10.82
CA PHE C 55 23.89 -24.59 10.64
C PHE C 55 23.21 -25.90 11.00
N ASN C 56 22.09 -25.79 11.70
CA ASN C 56 21.27 -26.94 12.06
C ASN C 56 19.86 -26.55 11.63
N TRP C 57 19.27 -27.31 10.69
CA TRP C 57 17.92 -27.01 10.22
C TRP C 57 16.88 -27.99 10.77
N TYR C 58 15.69 -27.49 11.05
CA TYR C 58 14.61 -28.33 11.58
C TYR C 58 13.32 -28.02 10.87
N VAL C 59 12.46 -29.02 10.72
CA VAL C 59 11.15 -28.85 10.10
C VAL C 59 10.20 -29.52 11.08
N ASP C 60 9.50 -28.68 11.85
CA ASP C 60 8.55 -29.13 12.87
C ASP C 60 9.29 -29.91 13.95
N GLY C 61 10.50 -29.45 14.27
CA GLY C 61 11.30 -30.10 15.29
C GLY C 61 12.25 -31.16 14.75
N VAL C 62 11.88 -31.82 13.65
CA VAL C 62 12.70 -32.88 13.07
C VAL C 62 13.85 -32.29 12.26
N GLU C 63 15.09 -32.60 12.65
CA GLU C 63 16.26 -32.08 11.96
C GLU C 63 16.39 -32.67 10.56
N VAL C 64 16.68 -31.79 9.58
CA VAL C 64 16.86 -32.20 8.17
C VAL C 64 18.29 -31.93 7.72
N HIS C 65 18.74 -32.59 6.66
CA HIS C 65 20.13 -32.43 6.23
C HIS C 65 20.45 -32.06 4.79
N ASN C 66 19.43 -31.71 4.02
CA ASN C 66 19.64 -31.37 2.61
C ASN C 66 19.97 -29.89 2.30
N ALA C 67 20.37 -29.12 3.30
CA ALA C 67 20.67 -27.72 3.06
C ALA C 67 22.07 -27.54 2.44
N LYS C 68 22.23 -26.46 1.69
CA LYS C 68 23.49 -26.14 1.03
C LYS C 68 23.96 -24.75 1.47
N THR C 69 25.26 -24.57 1.58
CA THR C 69 25.80 -23.27 1.97
C THR C 69 26.23 -22.48 0.73
N LYS C 70 25.74 -21.24 0.61
CA LYS C 70 26.10 -20.40 -0.51
C LYS C 70 27.56 -19.98 -0.34
N PRO C 71 28.28 -19.66 -1.43
CA PRO C 71 29.67 -19.25 -1.29
C PRO C 71 29.80 -17.99 -0.44
N ARG C 72 30.79 -17.98 0.46
CA ARG C 72 31.04 -16.85 1.35
C ARG C 72 31.26 -15.54 0.61
N GLU C 73 30.74 -14.45 1.15
CA GLU C 73 30.85 -13.15 0.52
C GLU C 73 31.39 -12.03 1.42
N GLU C 74 32.51 -11.45 1.01
CA GLU C 74 33.17 -10.35 1.71
C GLU C 74 32.32 -9.08 1.55
N GLN C 75 31.99 -8.44 2.67
CA GLN C 75 31.15 -7.25 2.65
C GLN C 75 31.91 -5.93 2.59
N TYR C 76 33.21 -5.98 2.86
CA TYR C 76 34.07 -4.79 2.83
C TYR C 76 33.86 -3.80 3.96
N ASN C 77 33.07 -4.21 4.96
CA ASN C 77 32.83 -3.37 6.12
C ASN C 77 33.36 -4.07 7.38
N SER C 78 34.36 -4.94 7.16
CA SER C 78 35.05 -5.75 8.18
C SER C 78 34.39 -7.08 8.52
N THR C 79 33.30 -7.40 7.83
CA THR C 79 32.55 -8.62 8.08
C THR C 79 32.23 -9.41 6.82
N TYR C 80 31.89 -10.68 7.04
CA TYR C 80 31.47 -11.61 5.98
C TYR C 80 29.95 -11.76 6.11
N ARG C 81 29.36 -12.42 5.13
CA ARG C 81 27.94 -12.70 5.09
C ARG C 81 27.90 -14.19 4.70
N VAL C 82 27.45 -15.02 5.63
CA VAL C 82 27.36 -16.46 5.42
C VAL C 82 25.87 -16.81 5.25
N VAL C 83 25.54 -17.54 4.19
CA VAL C 83 24.16 -17.90 3.89
C VAL C 83 23.92 -19.41 3.67
N SER C 84 22.82 -19.93 4.20
CA SER C 84 22.45 -21.32 4.00
C SER C 84 21.08 -21.32 3.35
N VAL C 85 20.91 -22.20 2.37
CA VAL C 85 19.64 -22.31 1.65
C VAL C 85 19.05 -23.71 1.80
N LEU C 86 17.77 -23.76 2.18
CA LEU C 86 17.07 -25.03 2.33
C LEU C 86 15.92 -25.06 1.32
N THR C 87 15.89 -26.11 0.51
CA THR C 87 14.83 -26.28 -0.45
C THR C 87 13.63 -26.84 0.30
N VAL C 88 12.44 -26.37 -0.05
CA VAL C 88 11.25 -26.86 0.62
C VAL C 88 10.26 -27.42 -0.39
N LEU C 89 9.32 -28.22 0.09
CA LEU C 89 8.31 -28.83 -0.76
C LEU C 89 7.11 -27.88 -0.80
N HIS C 90 6.56 -27.64 -1.99
CA HIS C 90 5.43 -26.73 -2.14
C HIS C 90 4.34 -27.01 -1.10
N GLN C 91 3.94 -28.26 -0.98
CA GLN C 91 2.91 -28.68 -0.04
C GLN C 91 3.33 -28.51 1.43
N ASP C 92 4.61 -28.71 1.74
CA ASP C 92 5.08 -28.56 3.11
C ASP C 92 4.95 -27.11 3.57
N TRP C 93 5.29 -26.18 2.68
CA TRP C 93 5.21 -24.77 2.99
C TRP C 93 3.76 -24.37 3.11
N LEU C 94 2.99 -24.64 2.06
CA LEU C 94 1.56 -24.32 2.02
C LEU C 94 0.77 -24.95 3.18
N ASN C 95 1.28 -26.04 3.75
CA ASN C 95 0.59 -26.71 4.84
C ASN C 95 0.93 -26.13 6.20
N GLY C 96 1.69 -25.05 6.23
CA GLY C 96 2.04 -24.41 7.49
C GLY C 96 3.12 -25.05 8.36
N LYS C 97 4.05 -25.76 7.74
CA LYS C 97 5.14 -26.39 8.48
C LYS C 97 6.14 -25.33 8.91
N GLU C 98 6.73 -25.49 10.09
CA GLU C 98 7.70 -24.52 10.60
C GLU C 98 9.15 -24.90 10.33
N TYR C 99 9.90 -23.92 9.84
CA TYR C 99 11.31 -24.09 9.52
C TYR C 99 12.15 -23.29 10.51
N LYS C 100 13.05 -23.98 11.21
CA LYS C 100 13.92 -23.34 12.17
C LYS C 100 15.37 -23.48 11.73
N CYS C 101 16.12 -22.39 11.84
CA CYS C 101 17.53 -22.37 11.49
C CYS C 101 18.31 -22.03 12.73
N LYS C 102 19.24 -22.90 13.12
CA LYS C 102 20.08 -22.66 14.29
C LYS C 102 21.49 -22.31 13.82
N VAL C 103 21.99 -21.16 14.27
CA VAL C 103 23.30 -20.68 13.87
C VAL C 103 24.30 -20.66 15.04
N SER C 104 25.38 -21.42 14.90
CA SER C 104 26.43 -21.49 15.91
C SER C 104 27.75 -20.98 15.33
N ASN C 105 28.50 -20.25 16.14
CA ASN C 105 29.79 -19.68 15.77
C ASN C 105 30.54 -19.43 17.09
N LYS C 106 31.87 -19.51 17.05
CA LYS C 106 32.68 -19.31 18.26
C LYS C 106 32.45 -17.99 19.00
N ALA C 107 32.12 -16.94 18.27
CA ALA C 107 31.88 -15.63 18.87
C ALA C 107 30.46 -15.51 19.45
N LEU C 108 29.74 -16.61 19.43
CA LEU C 108 28.36 -16.63 19.92
C LEU C 108 28.29 -17.44 21.21
N PRO C 109 28.02 -16.76 22.33
CA PRO C 109 27.90 -17.42 23.64
C PRO C 109 26.93 -18.60 23.56
N ALA C 110 25.81 -18.39 22.88
CA ALA C 110 24.84 -19.46 22.71
C ALA C 110 24.27 -19.40 21.29
N PRO C 111 23.97 -20.56 20.70
CA PRO C 111 23.41 -20.62 19.33
C PRO C 111 22.17 -19.74 19.19
N ILE C 112 22.02 -19.13 18.00
CA ILE C 112 20.88 -18.28 17.70
C ILE C 112 19.88 -19.07 16.87
N GLU C 113 18.60 -18.98 17.22
CA GLU C 113 17.56 -19.71 16.49
C GLU C 113 16.46 -18.79 16.00
N LYS C 114 16.14 -18.89 14.72
CA LYS C 114 15.05 -18.11 14.12
C LYS C 114 14.07 -19.14 13.53
N THR C 115 12.78 -18.82 13.57
CA THR C 115 11.77 -19.71 13.03
C THR C 115 10.86 -18.91 12.10
N ILE C 116 10.50 -19.49 10.97
CA ILE C 116 9.59 -18.83 10.04
C ILE C 116 8.72 -19.87 9.34
N SER C 117 7.50 -19.47 9.01
CA SER C 117 6.55 -20.33 8.34
C SER C 117 5.47 -19.45 7.75
N LYS C 118 4.54 -20.06 7.02
CA LYS C 118 3.46 -19.33 6.41
C LYS C 118 2.64 -18.65 7.51
N ALA C 119 1.92 -17.60 7.14
CA ALA C 119 1.07 -16.87 8.07
C ALA C 119 -0.08 -17.79 8.43
N LYS C 120 -0.37 -17.89 9.72
CA LYS C 120 -1.45 -18.74 10.18
C LYS C 120 -2.80 -18.02 10.08
N GLY C 121 -3.80 -18.74 9.58
CA GLY C 121 -5.12 -18.16 9.44
C GLY C 121 -5.77 -18.85 8.26
N GLN C 122 -7.07 -19.10 8.32
CA GLN C 122 -7.72 -19.79 7.21
C GLN C 122 -7.56 -19.01 5.91
N PRO C 123 -7.06 -19.68 4.86
CA PRO C 123 -6.85 -19.07 3.54
C PRO C 123 -8.18 -18.70 2.93
N ARG C 124 -8.27 -17.53 2.33
CA ARG C 124 -9.48 -17.07 1.68
C ARG C 124 -9.20 -16.68 0.23
N GLU C 125 -10.08 -17.10 -0.66
CA GLU C 125 -9.96 -16.85 -2.09
C GLU C 125 -10.15 -15.38 -2.45
N PRO C 126 -9.19 -14.80 -3.20
CA PRO C 126 -9.28 -13.40 -3.61
C PRO C 126 -10.32 -13.22 -4.70
N GLN C 127 -11.05 -12.13 -4.63
CA GLN C 127 -12.07 -11.80 -5.63
C GLN C 127 -11.34 -10.79 -6.51
N VAL C 128 -11.34 -11.02 -7.81
CA VAL C 128 -10.64 -10.13 -8.74
C VAL C 128 -11.62 -9.40 -9.66
N TYR C 129 -11.60 -8.08 -9.62
CA TYR C 129 -12.49 -7.30 -10.47
C TYR C 129 -11.70 -6.28 -11.30
N THR C 130 -11.86 -6.33 -12.61
CA THR C 130 -11.17 -5.38 -13.47
C THR C 130 -12.04 -4.13 -13.60
N LEU C 131 -11.43 -2.96 -13.54
CA LEU C 131 -12.17 -1.72 -13.62
C LEU C 131 -11.59 -0.84 -14.73
N PRO C 132 -12.43 -0.41 -15.69
CA PRO C 132 -12.00 0.45 -16.80
C PRO C 132 -11.75 1.88 -16.36
N PRO C 133 -11.02 2.67 -17.19
CA PRO C 133 -10.73 4.06 -16.86
C PRO C 133 -11.99 4.91 -16.84
N SER C 134 -11.94 6.02 -16.11
CA SER C 134 -13.06 6.93 -15.97
C SER C 134 -13.33 7.68 -17.28
N ARG C 135 -14.57 8.13 -17.46
CA ARG C 135 -14.92 8.89 -18.65
C ARG C 135 -14.03 10.14 -18.64
N GLU C 136 -13.85 10.72 -17.46
CA GLU C 136 -13.03 11.91 -17.33
C GLU C 136 -11.60 11.71 -17.79
N GLU C 137 -11.13 10.47 -17.75
CA GLU C 137 -9.75 10.17 -18.15
C GLU C 137 -9.56 10.08 -19.65
N MET C 138 -10.66 9.87 -20.39
CA MET C 138 -10.62 9.74 -21.85
C MET C 138 -10.10 10.96 -22.65
N THR C 139 -9.54 11.95 -21.96
CA THR C 139 -9.03 13.14 -22.62
C THR C 139 -7.52 13.32 -22.40
N LYS C 140 -6.94 12.45 -21.58
CA LYS C 140 -5.52 12.53 -21.30
C LYS C 140 -4.69 11.71 -22.32
N ASN C 141 -3.36 11.73 -22.20
CA ASN C 141 -2.49 10.99 -23.12
C ASN C 141 -2.63 9.48 -22.93
N GLN C 142 -2.54 9.04 -21.68
CA GLN C 142 -2.64 7.64 -21.33
C GLN C 142 -3.76 7.37 -20.32
N VAL C 143 -4.41 6.22 -20.44
CA VAL C 143 -5.48 5.81 -19.54
C VAL C 143 -4.98 4.81 -18.50
N SER C 144 -5.77 4.64 -17.43
CA SER C 144 -5.42 3.75 -16.34
C SER C 144 -6.37 2.56 -16.29
N LEU C 145 -5.82 1.36 -16.25
CA LEU C 145 -6.64 0.16 -16.17
C LEU C 145 -6.46 -0.35 -14.76
N THR C 146 -7.57 -0.52 -14.04
CA THR C 146 -7.51 -0.97 -12.66
C THR C 146 -7.91 -2.43 -12.49
N CYS C 147 -7.30 -3.07 -11.49
CA CYS C 147 -7.59 -4.45 -11.13
C CYS C 147 -7.68 -4.47 -9.60
N LEU C 148 -8.87 -4.76 -9.08
CA LEU C 148 -9.10 -4.83 -7.63
C LEU C 148 -9.06 -6.29 -7.17
N VAL C 149 -8.10 -6.60 -6.30
CA VAL C 149 -7.96 -7.95 -5.80
C VAL C 149 -8.26 -7.83 -4.31
N LYS C 150 -9.40 -8.35 -3.89
CA LYS C 150 -9.79 -8.25 -2.47
C LYS C 150 -10.27 -9.55 -1.84
N GLY C 151 -10.39 -9.53 -0.51
CA GLY C 151 -10.86 -10.69 0.22
C GLY C 151 -9.90 -11.86 0.30
N PHE C 152 -8.60 -11.61 0.16
CA PHE C 152 -7.63 -12.69 0.21
C PHE C 152 -6.85 -12.86 1.49
N TYR C 153 -6.46 -14.11 1.77
CA TYR C 153 -5.68 -14.42 2.95
C TYR C 153 -4.94 -15.75 2.69
N PRO C 154 -3.63 -15.80 2.94
CA PRO C 154 -2.73 -14.75 3.43
C PRO C 154 -2.38 -13.71 2.38
N SER C 155 -1.55 -12.74 2.75
CA SER C 155 -1.13 -11.65 1.86
C SER C 155 -0.14 -12.05 0.77
N ASP C 156 0.36 -13.28 0.82
CA ASP C 156 1.32 -13.77 -0.18
C ASP C 156 0.57 -13.89 -1.50
N ILE C 157 0.95 -13.07 -2.49
CA ILE C 157 0.27 -13.05 -3.79
C ILE C 157 1.19 -12.53 -4.90
N ALA C 158 0.76 -12.69 -6.16
CA ALA C 158 1.51 -12.23 -7.32
C ALA C 158 0.50 -11.74 -8.33
N VAL C 159 0.65 -10.50 -8.79
CA VAL C 159 -0.28 -9.88 -9.75
C VAL C 159 0.50 -9.32 -10.93
N GLU C 160 0.09 -9.70 -12.15
CA GLU C 160 0.76 -9.24 -13.37
C GLU C 160 -0.29 -8.92 -14.45
N TRP C 161 0.14 -8.27 -15.54
CA TRP C 161 -0.76 -7.90 -16.65
C TRP C 161 -0.25 -8.41 -17.99
N GLU C 162 -1.16 -8.62 -18.94
CA GLU C 162 -0.80 -9.09 -20.27
C GLU C 162 -1.84 -8.72 -21.34
N SER C 163 -1.45 -8.84 -22.60
CA SER C 163 -2.31 -8.54 -23.73
C SER C 163 -1.82 -9.41 -24.90
N ASN C 164 -2.75 -10.17 -25.48
CA ASN C 164 -2.46 -11.06 -26.60
C ASN C 164 -1.37 -12.04 -26.19
N GLY C 165 -1.45 -12.53 -24.95
CA GLY C 165 -0.46 -13.47 -24.47
C GLY C 165 0.90 -12.86 -24.19
N GLN C 166 1.04 -11.57 -24.43
CA GLN C 166 2.30 -10.88 -24.19
C GLN C 166 2.21 -10.09 -22.89
N PRO C 167 3.27 -10.14 -22.06
CA PRO C 167 3.30 -9.42 -20.79
C PRO C 167 3.38 -7.91 -20.92
N GLU C 168 2.56 -7.19 -20.16
CA GLU C 168 2.55 -5.73 -20.14
C GLU C 168 3.29 -5.33 -18.87
N ASN C 169 4.42 -4.68 -19.01
CA ASN C 169 5.24 -4.29 -17.84
C ASN C 169 5.01 -2.90 -17.25
N ASN C 170 4.15 -2.11 -17.87
CA ASN C 170 3.90 -0.75 -17.41
C ASN C 170 2.83 -0.64 -16.32
N TYR C 171 3.05 -1.29 -15.18
CA TYR C 171 2.09 -1.25 -14.08
C TYR C 171 2.75 -1.08 -12.69
N LYS C 172 1.93 -0.72 -11.71
CA LYS C 172 2.38 -0.52 -10.34
C LYS C 172 1.30 -1.14 -9.46
N THR C 173 1.71 -1.88 -8.43
CA THR C 173 0.75 -2.52 -7.55
C THR C 173 0.96 -2.07 -6.11
N THR C 174 -0.14 -1.70 -5.45
CA THR C 174 -0.03 -1.25 -4.08
C THR C 174 0.27 -2.41 -3.19
N PRO C 175 0.93 -2.15 -2.04
CA PRO C 175 1.20 -3.30 -1.18
C PRO C 175 -0.14 -3.74 -0.59
N PRO C 176 -0.23 -4.98 -0.09
CA PRO C 176 -1.50 -5.43 0.49
C PRO C 176 -1.88 -4.60 1.69
N VAL C 177 -3.15 -4.21 1.74
CA VAL C 177 -3.69 -3.41 2.84
C VAL C 177 -4.67 -4.31 3.60
N LEU C 178 -4.59 -4.32 4.93
CA LEU C 178 -5.45 -5.14 5.76
C LEU C 178 -6.85 -4.54 5.84
N ASP C 179 -7.85 -5.27 5.35
CA ASP C 179 -9.25 -4.81 5.36
C ASP C 179 -9.90 -5.04 6.74
N SER C 180 -11.08 -4.45 6.94
CA SER C 180 -11.78 -4.57 8.21
C SER C 180 -12.34 -5.95 8.55
N ASP C 181 -12.26 -6.89 7.62
CA ASP C 181 -12.77 -8.23 7.86
C ASP C 181 -11.68 -9.26 8.09
N GLY C 182 -10.46 -8.78 8.25
CA GLY C 182 -9.33 -9.66 8.49
C GLY C 182 -8.70 -10.22 7.23
N SER C 183 -9.15 -9.74 6.09
CA SER C 183 -8.60 -10.19 4.82
C SER C 183 -7.79 -9.04 4.25
N PHE C 184 -7.11 -9.28 3.14
CA PHE C 184 -6.30 -8.27 2.48
C PHE C 184 -6.88 -7.93 1.12
N PHE C 185 -6.54 -6.73 0.64
CA PHE C 185 -6.96 -6.26 -0.68
C PHE C 185 -5.82 -5.38 -1.21
N LEU C 186 -5.80 -5.17 -2.51
CA LEU C 186 -4.81 -4.33 -3.13
C LEU C 186 -5.36 -3.89 -4.47
N TYR C 187 -4.68 -2.93 -5.08
CA TYR C 187 -5.07 -2.41 -6.38
C TYR C 187 -3.83 -2.42 -7.29
N SER C 188 -4.02 -2.75 -8.56
CA SER C 188 -2.93 -2.75 -9.53
C SER C 188 -3.38 -1.84 -10.65
N LYS C 189 -2.49 -0.97 -11.09
CA LYS C 189 -2.81 -0.03 -12.14
C LYS C 189 -1.84 -0.16 -13.32
N LEU C 190 -2.42 -0.45 -14.48
CA LEU C 190 -1.66 -0.56 -15.72
C LEU C 190 -1.98 0.72 -16.50
N THR C 191 -0.96 1.39 -17.00
CA THR C 191 -1.14 2.62 -17.75
C THR C 191 -0.85 2.37 -19.24
N VAL C 192 -1.83 2.62 -20.11
CA VAL C 192 -1.69 2.42 -21.56
C VAL C 192 -2.15 3.60 -22.41
N ASP C 193 -1.84 3.54 -23.72
CA ASP C 193 -2.21 4.61 -24.65
C ASP C 193 -3.69 4.54 -25.00
N LYS C 194 -4.37 5.69 -24.89
CA LYS C 194 -5.82 5.76 -25.16
C LYS C 194 -6.20 5.03 -26.44
N SER C 195 -5.33 5.10 -27.43
CA SER C 195 -5.54 4.44 -28.70
C SER C 195 -5.84 2.97 -28.47
N ARG C 196 -4.88 2.28 -27.84
CA ARG C 196 -5.00 0.85 -27.54
C ARG C 196 -6.35 0.49 -26.94
N TRP C 197 -6.69 1.15 -25.84
CA TRP C 197 -7.95 0.89 -25.17
C TRP C 197 -9.16 1.13 -26.08
N GLN C 198 -9.12 2.24 -26.81
CA GLN C 198 -10.18 2.66 -27.74
C GLN C 198 -10.43 1.59 -28.82
N GLN C 199 -9.34 1.06 -29.38
CA GLN C 199 -9.37 0.06 -30.46
C GLN C 199 -9.99 -1.30 -30.12
N GLY C 200 -10.38 -1.50 -28.86
CA GLY C 200 -10.99 -2.75 -28.46
C GLY C 200 -10.02 -3.83 -28.01
N ASN C 201 -8.73 -3.49 -27.95
CA ASN C 201 -7.70 -4.44 -27.50
C ASN C 201 -8.06 -5.13 -26.18
N VAL C 202 -7.68 -6.40 -26.03
CA VAL C 202 -7.95 -7.13 -24.80
C VAL C 202 -6.75 -7.21 -23.86
N PHE C 203 -6.96 -6.72 -22.63
CA PHE C 203 -5.94 -6.71 -21.58
C PHE C 203 -6.39 -7.59 -20.41
N SER C 204 -5.44 -8.20 -19.72
CA SER C 204 -5.77 -9.09 -18.60
C SER C 204 -4.94 -8.94 -17.33
N CYS C 205 -5.60 -9.25 -16.21
CA CYS C 205 -5.03 -9.20 -14.86
C CYS C 205 -4.84 -10.64 -14.39
N SER C 206 -3.59 -11.07 -14.29
CA SER C 206 -3.27 -12.42 -13.86
C SER C 206 -2.96 -12.39 -12.37
N VAL C 207 -3.65 -13.22 -11.60
CA VAL C 207 -3.44 -13.30 -10.17
C VAL C 207 -3.12 -14.73 -9.75
N MET C 208 -2.11 -14.86 -8.88
CA MET C 208 -1.68 -16.15 -8.35
C MET C 208 -1.78 -16.13 -6.84
N HIS C 209 -2.52 -17.08 -6.28
CA HIS C 209 -2.72 -17.15 -4.84
C HIS C 209 -3.09 -18.60 -4.52
N GLU C 210 -2.63 -19.11 -3.38
CA GLU C 210 -2.90 -20.49 -3.01
C GLU C 210 -4.38 -20.90 -2.94
N ALA C 211 -5.24 -19.95 -2.59
CA ALA C 211 -6.67 -20.21 -2.44
C ALA C 211 -7.51 -20.22 -3.71
N LEU C 212 -6.89 -19.85 -4.82
CA LEU C 212 -7.55 -19.83 -6.12
C LEU C 212 -7.54 -21.25 -6.67
N HIS C 213 -8.46 -21.57 -7.57
CA HIS C 213 -8.46 -22.92 -8.14
C HIS C 213 -7.19 -22.95 -8.99
N ASN C 214 -6.30 -23.88 -8.68
CA ASN C 214 -5.04 -24.01 -9.41
C ASN C 214 -4.12 -22.81 -9.15
N HIS C 215 -4.37 -22.09 -8.06
CA HIS C 215 -3.56 -20.93 -7.70
C HIS C 215 -3.58 -19.90 -8.82
N TYR C 216 -4.59 -19.94 -9.69
CA TYR C 216 -4.62 -19.01 -10.81
C TYR C 216 -6.03 -18.56 -11.26
N THR C 217 -6.06 -17.40 -11.89
CA THR C 217 -7.29 -16.80 -12.40
C THR C 217 -6.86 -15.58 -13.20
N GLN C 218 -7.59 -15.31 -14.28
CA GLN C 218 -7.32 -14.18 -15.14
C GLN C 218 -8.64 -13.44 -15.29
N LYS C 219 -8.55 -12.12 -15.35
CA LYS C 219 -9.73 -11.31 -15.54
C LYS C 219 -9.41 -10.37 -16.69
N SER C 220 -10.27 -10.44 -17.70
CA SER C 220 -10.14 -9.65 -18.92
C SER C 220 -10.78 -8.26 -18.83
N LEU C 221 -10.25 -7.31 -19.60
CA LEU C 221 -10.76 -5.95 -19.62
C LEU C 221 -10.70 -5.32 -21.03
N SER C 222 -11.88 -5.01 -21.58
CA SER C 222 -12.00 -4.38 -22.89
C SER C 222 -13.43 -3.90 -23.12
N LEU C 223 -13.75 -3.52 -24.35
CA LEU C 223 -15.07 -3.02 -24.72
C LEU C 223 -15.87 -4.05 -25.52
N ARG D 200 -14.79 -29.31 -18.88
CA ARG D 200 -14.41 -30.46 -18.02
C ARG D 200 -12.95 -30.83 -18.20
N GLY D 201 -12.44 -31.69 -17.32
CA GLY D 201 -11.05 -32.10 -17.43
C GLY D 201 -10.03 -31.09 -16.97
N VAL D 202 -8.81 -31.23 -17.50
CA VAL D 202 -7.71 -30.35 -17.14
C VAL D 202 -7.07 -29.70 -18.37
N THR D 203 -6.63 -28.45 -18.22
CA THR D 203 -5.97 -27.74 -19.30
C THR D 203 -4.55 -27.43 -18.84
N VAL D 204 -3.57 -27.74 -19.70
CA VAL D 204 -2.19 -27.46 -19.36
C VAL D 204 -1.57 -26.60 -20.46
N ARG D 205 -0.92 -25.52 -20.05
CA ARG D 205 -0.27 -24.62 -20.98
C ARG D 205 1.19 -24.50 -20.61
N MET D 206 2.06 -24.67 -21.60
CA MET D 206 3.51 -24.60 -21.38
C MET D 206 4.14 -23.45 -22.15
N GLU D 207 5.14 -22.83 -21.54
CA GLU D 207 5.85 -21.71 -22.15
C GLU D 207 7.35 -21.86 -21.93
N THR D 208 8.14 -21.71 -22.99
CA THR D 208 9.59 -21.78 -22.87
C THR D 208 10.27 -21.42 -24.17
N PRO D 209 11.48 -20.87 -24.07
CA PRO D 209 12.22 -20.51 -25.29
C PRO D 209 12.53 -21.82 -26.01
N GLU D 210 12.77 -21.75 -27.32
CA GLU D 210 13.06 -22.95 -28.08
C GLU D 210 14.53 -23.35 -28.07
N ALA D 211 15.39 -22.48 -27.54
CA ALA D 211 16.81 -22.80 -27.50
C ALA D 211 17.60 -22.12 -26.40
N ILE D 212 18.61 -22.82 -25.91
CA ILE D 212 19.52 -22.31 -24.90
C ILE D 212 20.92 -22.60 -25.39
N LEU D 213 21.66 -21.56 -25.75
CA LEU D 213 23.03 -21.73 -26.20
C LEU D 213 23.93 -21.53 -25.00
N PHE D 214 24.85 -22.46 -24.78
CA PHE D 214 25.75 -22.35 -23.66
C PHE D 214 27.20 -22.59 -24.09
N SER D 215 28.13 -22.08 -23.29
CA SER D 215 29.55 -22.26 -23.54
C SER D 215 30.00 -23.21 -22.44
N PRO D 216 30.91 -24.15 -22.75
CA PRO D 216 31.40 -25.11 -21.75
C PRO D 216 31.87 -24.44 -20.46
N GLY D 217 31.48 -25.02 -19.32
CA GLY D 217 31.88 -24.49 -18.03
C GLY D 217 30.79 -23.66 -17.38
N GLU D 218 29.81 -23.21 -18.15
CA GLU D 218 28.73 -22.40 -17.59
C GLU D 218 27.74 -23.24 -16.81
N THR D 219 27.06 -22.57 -15.88
CA THR D 219 26.02 -23.22 -15.09
C THR D 219 24.76 -22.45 -15.42
N PHE D 220 23.69 -23.18 -15.73
CA PHE D 220 22.44 -22.53 -16.07
C PHE D 220 21.31 -23.52 -15.85
N SER D 221 20.08 -23.08 -16.09
CA SER D 221 18.94 -23.94 -15.93
C SER D 221 17.90 -23.56 -16.96
N THR D 222 16.96 -24.47 -17.22
CA THR D 222 15.90 -24.20 -18.17
C THR D 222 14.93 -23.25 -17.47
N ASN D 223 14.07 -22.63 -18.26
CA ASN D 223 13.11 -21.69 -17.72
C ASN D 223 11.75 -21.96 -18.34
N VAL D 224 11.24 -23.17 -18.09
CA VAL D 224 9.96 -23.59 -18.61
C VAL D 224 8.88 -23.15 -17.62
N SER D 225 7.75 -22.71 -18.14
CA SER D 225 6.65 -22.28 -17.31
C SER D 225 5.47 -23.20 -17.63
N ILE D 226 4.86 -23.76 -16.60
CA ILE D 226 3.73 -24.67 -16.81
C ILE D 226 2.59 -24.37 -15.84
N HIS D 227 1.40 -24.12 -16.39
CA HIS D 227 0.23 -23.86 -15.58
C HIS D 227 -0.82 -24.92 -15.86
N ALA D 228 -1.49 -25.38 -14.81
CA ALA D 228 -2.53 -26.38 -14.97
C ALA D 228 -3.81 -25.86 -14.38
N ILE D 229 -4.91 -26.00 -15.13
CA ILE D 229 -6.21 -25.55 -14.66
C ILE D 229 -7.19 -26.71 -14.64
N ALA D 230 -7.67 -27.08 -13.45
CA ALA D 230 -8.63 -28.18 -13.33
C ALA D 230 -10.02 -27.56 -13.42
N HIS D 231 -10.75 -27.91 -14.48
CA HIS D 231 -12.09 -27.38 -14.70
C HIS D 231 -13.21 -28.03 -13.89
N ASP D 232 -12.91 -29.17 -13.29
CA ASP D 232 -13.89 -29.87 -12.46
C ASP D 232 -13.21 -30.38 -11.19
N ASP D 233 -13.92 -31.19 -10.40
CA ASP D 233 -13.36 -31.72 -9.16
C ASP D 233 -12.90 -33.17 -9.27
N GLN D 234 -12.71 -33.65 -10.49
CA GLN D 234 -12.25 -35.01 -10.69
C GLN D 234 -10.78 -35.12 -10.30
N THR D 235 -10.40 -36.24 -9.73
CA THR D 235 -9.02 -36.46 -9.32
C THR D 235 -8.22 -36.87 -10.55
N TYR D 236 -6.96 -36.43 -10.63
CA TYR D 236 -6.13 -36.78 -11.76
C TYR D 236 -4.67 -36.98 -11.35
N SER D 237 -3.91 -37.62 -12.23
CA SER D 237 -2.50 -37.83 -11.98
C SER D 237 -1.76 -36.98 -13.01
N MET D 238 -0.52 -36.61 -12.72
CA MET D 238 0.24 -35.81 -13.68
C MET D 238 1.69 -36.25 -13.68
N ASP D 239 2.32 -36.18 -14.85
CA ASP D 239 3.72 -36.53 -15.00
C ASP D 239 4.39 -35.48 -15.88
N VAL D 240 5.47 -34.88 -15.38
CA VAL D 240 6.20 -33.91 -16.19
C VAL D 240 7.44 -34.69 -16.60
N VAL D 241 7.52 -35.00 -17.88
CA VAL D 241 8.61 -35.81 -18.41
C VAL D 241 9.58 -35.07 -19.31
N TRP D 242 10.87 -35.29 -19.06
CA TRP D 242 11.93 -34.71 -19.87
C TRP D 242 12.54 -35.80 -20.73
N LEU D 243 12.58 -35.56 -22.04
CA LEU D 243 13.19 -36.50 -22.98
C LEU D 243 14.39 -35.81 -23.61
N ARG D 244 15.45 -36.58 -23.85
CA ARG D 244 16.66 -36.06 -24.47
C ARG D 244 16.99 -36.84 -25.75
N PHE D 245 17.26 -36.12 -26.82
CA PHE D 245 17.57 -36.75 -28.10
C PHE D 245 18.96 -36.37 -28.61
N ASP D 246 19.68 -37.36 -29.07
CA ASP D 246 21.01 -37.14 -29.62
C ASP D 246 20.88 -36.39 -30.94
N VAL D 247 21.76 -35.43 -31.16
CA VAL D 247 21.76 -34.64 -32.39
C VAL D 247 23.10 -34.88 -33.09
N PRO D 248 23.10 -35.80 -34.06
CA PRO D 248 24.33 -36.09 -34.79
C PRO D 248 24.90 -34.87 -35.50
N THR D 249 26.22 -34.82 -35.59
CA THR D 249 26.94 -33.74 -36.23
C THR D 249 26.53 -33.61 -37.68
N SER D 250 26.30 -34.76 -38.31
CA SER D 250 25.94 -34.81 -39.72
C SER D 250 24.49 -34.42 -40.04
N CYS D 251 23.68 -34.20 -39.02
CA CYS D 251 22.29 -33.79 -39.23
C CYS D 251 22.25 -32.30 -39.57
N ALA D 252 21.47 -31.94 -40.59
CA ALA D 252 21.33 -30.54 -40.98
C ALA D 252 20.37 -29.90 -40.00
N GLU D 253 19.40 -30.69 -39.54
CA GLU D 253 18.42 -30.21 -38.57
C GLU D 253 17.72 -31.41 -37.96
N MET D 254 17.09 -31.21 -36.82
CA MET D 254 16.37 -32.28 -36.13
C MET D 254 14.91 -32.13 -36.50
N ARG D 255 14.22 -33.26 -36.64
CA ARG D 255 12.80 -33.22 -36.96
C ARG D 255 11.98 -33.89 -35.85
N ILE D 256 11.04 -33.13 -35.29
CA ILE D 256 10.19 -33.65 -34.24
C ILE D 256 8.86 -34.09 -34.85
N TYR D 257 8.56 -35.39 -34.76
CA TYR D 257 7.32 -35.91 -35.30
C TYR D 257 6.24 -35.70 -34.23
N GLU D 258 5.53 -34.58 -34.30
CA GLU D 258 4.52 -34.25 -33.29
C GLU D 258 3.45 -35.31 -33.04
N SER D 259 2.83 -35.81 -34.11
CA SER D 259 1.78 -36.81 -33.95
C SER D 259 2.33 -38.05 -33.27
N CYS D 260 3.61 -38.35 -33.50
CA CYS D 260 4.25 -39.50 -32.90
C CYS D 260 4.39 -39.44 -31.39
N LEU D 261 4.46 -38.23 -30.85
CA LEU D 261 4.59 -38.08 -29.41
C LEU D 261 3.40 -38.72 -28.71
N TYR D 262 2.25 -38.72 -29.37
CA TYR D 262 1.03 -39.28 -28.78
C TYR D 262 0.90 -40.79 -28.93
N HIS D 263 1.64 -41.36 -29.88
CA HIS D 263 1.64 -42.81 -30.10
C HIS D 263 3.02 -43.25 -30.56
N PRO D 264 4.03 -43.13 -29.67
CA PRO D 264 5.42 -43.48 -29.93
C PRO D 264 5.67 -44.96 -30.22
N GLN D 265 4.62 -45.78 -30.12
CA GLN D 265 4.76 -47.21 -30.37
C GLN D 265 4.28 -47.62 -31.75
N LEU D 266 3.84 -46.67 -32.57
CA LEU D 266 3.40 -47.01 -33.93
C LEU D 266 4.65 -47.32 -34.75
N PRO D 267 4.53 -48.19 -35.77
CA PRO D 267 5.67 -48.55 -36.63
C PRO D 267 6.46 -47.38 -37.19
N GLU D 268 5.74 -46.42 -37.78
CA GLU D 268 6.38 -45.25 -38.39
C GLU D 268 7.05 -44.35 -37.36
N CYS D 269 6.67 -44.50 -36.09
CA CYS D 269 7.27 -43.68 -35.04
C CYS D 269 8.47 -44.40 -34.43
N LEU D 270 8.40 -45.72 -34.36
CA LEU D 270 9.50 -46.51 -33.80
C LEU D 270 10.69 -46.52 -34.74
N SER D 271 10.40 -46.44 -36.04
CA SER D 271 11.44 -46.45 -37.07
C SER D 271 11.28 -45.20 -37.95
N PRO D 272 11.53 -44.01 -37.39
CA PRO D 272 11.39 -42.74 -38.15
C PRO D 272 12.19 -42.66 -39.44
N ALA D 273 11.54 -42.18 -40.49
CA ALA D 273 12.15 -42.05 -41.81
C ALA D 273 13.38 -41.15 -41.81
N ASP D 274 13.38 -40.13 -40.96
CA ASP D 274 14.52 -39.23 -40.90
C ASP D 274 15.50 -39.75 -39.86
N ALA D 275 15.35 -41.05 -39.61
CA ALA D 275 16.08 -41.89 -38.67
C ALA D 275 17.10 -41.31 -37.71
N PRO D 276 18.26 -40.87 -38.21
CA PRO D 276 19.22 -40.33 -37.22
C PRO D 276 18.89 -38.95 -36.66
N CYS D 277 18.11 -38.19 -37.42
CA CYS D 277 17.77 -36.82 -37.03
C CYS D 277 16.31 -36.63 -36.68
N ALA D 278 15.68 -37.65 -36.10
CA ALA D 278 14.28 -37.54 -35.75
C ALA D 278 13.96 -37.82 -34.28
N ALA D 279 13.07 -37.02 -33.71
CA ALA D 279 12.61 -37.20 -32.33
C ALA D 279 11.17 -37.69 -32.53
N SER D 280 10.97 -39.00 -32.39
CA SER D 280 9.64 -39.55 -32.62
C SER D 280 9.24 -40.69 -31.70
N THR D 281 10.20 -41.15 -30.88
CA THR D 281 9.92 -42.22 -29.93
C THR D 281 11.04 -42.21 -28.91
N TRP D 282 10.86 -42.95 -27.82
CA TRP D 282 11.89 -42.99 -26.80
C TRP D 282 11.80 -44.26 -25.98
N THR D 283 12.86 -44.53 -25.22
CA THR D 283 12.93 -45.68 -24.35
C THR D 283 13.17 -45.09 -22.97
N SER D 284 14.40 -44.69 -22.69
CA SER D 284 14.74 -44.08 -21.42
C SER D 284 14.16 -42.67 -21.36
N ARG D 285 13.75 -42.26 -20.16
CA ARG D 285 13.23 -40.90 -19.93
C ARG D 285 14.31 -40.25 -19.08
N LEU D 286 14.79 -39.08 -19.50
CA LEU D 286 15.85 -38.38 -18.76
C LEU D 286 15.44 -38.07 -17.32
N ALA D 287 14.22 -37.59 -17.15
CA ALA D 287 13.72 -37.26 -15.83
C ALA D 287 12.21 -37.23 -15.83
N VAL D 288 11.61 -37.55 -14.68
CA VAL D 288 10.17 -37.54 -14.53
C VAL D 288 9.79 -37.10 -13.12
N ARG D 289 8.90 -36.12 -13.03
CA ARG D 289 8.40 -35.66 -11.74
C ARG D 289 6.93 -36.05 -11.80
N SER D 290 6.51 -36.90 -10.86
CA SER D 290 5.14 -37.38 -10.84
C SER D 290 4.28 -36.75 -9.75
N TYR D 291 2.98 -36.69 -10.02
CA TYR D 291 2.01 -36.12 -9.09
C TYR D 291 0.83 -37.07 -9.00
N ALA D 292 0.28 -37.25 -7.81
CA ALA D 292 -0.84 -38.17 -7.64
C ALA D 292 -1.87 -37.59 -6.68
N GLY D 293 -3.13 -37.95 -6.92
CA GLY D 293 -4.22 -37.46 -6.09
C GLY D 293 -4.45 -35.98 -6.28
N CYS D 294 -4.11 -35.47 -7.45
CA CYS D 294 -4.29 -34.05 -7.76
C CYS D 294 -5.75 -33.70 -8.01
N SER D 295 -6.10 -32.45 -7.75
CA SER D 295 -7.46 -31.97 -7.99
C SER D 295 -7.44 -30.46 -7.93
N ARG D 296 -8.59 -29.86 -8.24
CA ARG D 296 -8.73 -28.42 -8.23
C ARG D 296 -8.41 -27.88 -6.84
N THR D 297 -8.74 -28.67 -5.82
CA THR D 297 -8.53 -28.29 -4.43
C THR D 297 -7.20 -28.78 -3.85
N ASN D 298 -6.56 -29.73 -4.53
CA ASN D 298 -5.25 -30.26 -4.10
C ASN D 298 -4.42 -30.15 -5.37
N PRO D 299 -4.13 -28.91 -5.80
CA PRO D 299 -3.37 -28.53 -6.98
C PRO D 299 -1.91 -28.94 -7.04
N PRO D 300 -1.44 -29.29 -8.25
CA PRO D 300 -0.13 -29.74 -8.71
C PRO D 300 1.06 -29.62 -7.79
N PRO D 301 1.27 -28.46 -7.18
CA PRO D 301 2.45 -28.48 -6.30
C PRO D 301 2.18 -29.40 -5.10
N ARG D 302 1.01 -29.25 -4.51
CA ARG D 302 0.64 -30.01 -3.33
C ARG D 302 0.50 -31.51 -3.54
N CYS D 303 0.24 -31.93 -4.77
CA CYS D 303 0.07 -33.36 -5.04
C CYS D 303 1.33 -34.05 -5.54
N SER D 304 2.47 -33.38 -5.35
CA SER D 304 3.77 -33.95 -5.73
C SER D 304 3.91 -35.30 -5.05
N ALA D 305 4.43 -36.28 -5.78
CA ALA D 305 4.58 -37.62 -5.21
C ALA D 305 5.99 -38.21 -5.38
N GLU D 306 6.44 -38.34 -6.63
CA GLU D 306 7.75 -38.91 -6.87
C GLU D 306 8.56 -38.12 -7.88
N ALA D 307 9.86 -38.39 -7.92
CA ALA D 307 10.75 -37.73 -8.87
C ALA D 307 11.90 -38.67 -9.20
N HIS D 308 12.22 -38.77 -10.48
CA HIS D 308 13.27 -39.64 -10.95
C HIS D 308 14.15 -38.90 -11.94
N MET D 309 15.43 -39.23 -11.97
CA MET D 309 16.35 -38.57 -12.89
C MET D 309 17.50 -39.53 -13.18
N GLU D 310 17.86 -39.63 -14.45
CA GLU D 310 18.93 -40.51 -14.84
C GLU D 310 20.26 -39.95 -14.35
N PRO D 311 21.22 -40.83 -14.05
CA PRO D 311 22.51 -40.33 -13.57
C PRO D 311 23.23 -39.68 -14.75
N VAL D 312 23.33 -38.36 -14.70
CA VAL D 312 24.00 -37.61 -15.76
C VAL D 312 24.93 -36.60 -15.09
N PRO D 313 26.23 -36.71 -15.37
CA PRO D 313 27.22 -35.79 -14.80
C PRO D 313 26.78 -34.34 -14.95
N GLY D 314 26.71 -33.61 -13.84
CA GLY D 314 26.33 -32.21 -13.90
C GLY D 314 24.86 -31.86 -14.07
N LEU D 315 24.00 -32.85 -14.24
CA LEU D 315 22.56 -32.60 -14.39
C LEU D 315 21.85 -32.79 -13.05
N ALA D 316 20.83 -31.98 -12.79
CA ALA D 316 20.08 -32.09 -11.54
C ALA D 316 18.78 -31.27 -11.56
N TRP D 317 17.87 -31.62 -10.66
CA TRP D 317 16.58 -30.92 -10.51
C TRP D 317 16.85 -29.74 -9.58
N GLN D 318 16.38 -28.55 -9.94
CA GLN D 318 16.62 -27.39 -9.09
C GLN D 318 15.72 -27.30 -7.85
N ALA D 319 15.53 -28.43 -7.18
CA ALA D 319 14.72 -28.50 -5.96
C ALA D 319 13.31 -27.94 -6.13
N ALA D 320 12.32 -28.79 -5.91
CA ALA D 320 10.91 -28.41 -6.02
C ALA D 320 10.60 -27.67 -7.32
N SER D 321 11.27 -28.05 -8.40
CA SER D 321 11.05 -27.41 -9.69
C SER D 321 11.05 -28.41 -10.84
N VAL D 322 10.39 -28.06 -11.95
CA VAL D 322 10.35 -28.94 -13.11
C VAL D 322 11.50 -28.61 -14.06
N ASN D 323 12.22 -27.54 -13.75
CA ASN D 323 13.34 -27.15 -14.61
C ASN D 323 14.58 -27.98 -14.38
N LEU D 324 15.41 -28.07 -15.41
CA LEU D 324 16.65 -28.83 -15.35
C LEU D 324 17.81 -27.87 -15.12
N GLU D 325 18.75 -28.26 -14.29
CA GLU D 325 19.91 -27.43 -14.02
C GLU D 325 21.18 -28.10 -14.51
N PHE D 326 22.00 -27.36 -15.24
CA PHE D 326 23.26 -27.88 -15.78
C PHE D 326 24.45 -27.16 -15.12
N ARG D 327 25.27 -27.92 -14.40
CA ARG D 327 26.44 -27.36 -13.73
C ARG D 327 27.71 -27.72 -14.49
N ASP D 328 28.58 -26.74 -14.68
CA ASP D 328 29.83 -26.96 -15.41
C ASP D 328 29.49 -27.68 -16.71
N ALA D 329 28.52 -27.12 -17.44
CA ALA D 329 28.06 -27.69 -18.69
C ALA D 329 29.19 -28.05 -19.64
N SER D 330 29.03 -29.15 -20.37
CA SER D 330 30.05 -29.59 -21.31
C SER D 330 29.34 -30.07 -22.57
N PRO D 331 30.08 -30.25 -23.67
CA PRO D 331 29.48 -30.71 -24.92
C PRO D 331 28.59 -31.97 -24.78
N GLN D 332 28.87 -32.79 -23.77
CA GLN D 332 28.09 -34.02 -23.57
C GLN D 332 26.62 -33.70 -23.29
N HIS D 333 26.35 -32.47 -22.84
CA HIS D 333 24.97 -32.06 -22.52
C HIS D 333 24.17 -31.55 -23.70
N SER D 334 24.83 -31.28 -24.82
CA SER D 334 24.15 -30.75 -25.99
C SER D 334 23.18 -31.75 -26.60
N GLY D 335 22.01 -31.27 -27.00
CA GLY D 335 21.03 -32.16 -27.61
C GLY D 335 19.67 -31.52 -27.70
N LEU D 336 18.69 -32.29 -28.17
CA LEU D 336 17.34 -31.79 -28.27
C LEU D 336 16.56 -32.31 -27.07
N TYR D 337 16.01 -31.39 -26.29
CA TYR D 337 15.24 -31.75 -25.10
C TYR D 337 13.76 -31.42 -25.27
N LEU D 338 12.92 -32.34 -24.82
CA LEU D 338 11.48 -32.15 -24.87
C LEU D 338 10.89 -32.30 -23.46
N CYS D 339 9.98 -31.40 -23.13
CA CYS D 339 9.31 -31.45 -21.84
C CYS D 339 7.88 -31.80 -22.20
N VAL D 340 7.41 -32.93 -21.69
CA VAL D 340 6.06 -33.40 -21.99
C VAL D 340 5.25 -33.54 -20.72
N VAL D 341 4.06 -32.97 -20.71
CA VAL D 341 3.21 -33.06 -19.54
C VAL D 341 2.03 -33.99 -19.77
N TYR D 342 1.94 -35.02 -18.94
CA TYR D 342 0.85 -35.99 -19.03
C TYR D 342 -0.15 -35.76 -17.90
N VAL D 343 -1.43 -35.94 -18.20
CA VAL D 343 -2.47 -35.88 -17.18
C VAL D 343 -3.24 -37.17 -17.43
N ASN D 344 -3.28 -38.05 -16.44
CA ASN D 344 -3.97 -39.34 -16.58
C ASN D 344 -3.41 -40.10 -17.77
N ASP D 345 -2.08 -40.08 -17.89
CA ASP D 345 -1.34 -40.79 -18.94
C ASP D 345 -1.60 -40.35 -20.38
N HIS D 346 -2.07 -39.12 -20.56
CA HIS D 346 -2.30 -38.59 -21.90
C HIS D 346 -1.63 -37.21 -21.97
N ILE D 347 -0.86 -36.98 -23.03
CA ILE D 347 -0.17 -35.70 -23.17
C ILE D 347 -1.14 -34.52 -23.26
N HIS D 348 -0.96 -33.55 -22.36
CA HIS D 348 -1.80 -32.35 -22.35
C HIS D 348 -1.04 -31.11 -22.80
N ALA D 349 0.28 -31.20 -22.86
CA ALA D 349 1.11 -30.10 -23.31
C ALA D 349 2.52 -30.61 -23.53
N TRP D 350 3.26 -29.95 -24.41
CA TRP D 350 4.64 -30.33 -24.66
C TRP D 350 5.41 -29.17 -25.28
N GLY D 351 6.73 -29.20 -25.13
CA GLY D 351 7.55 -28.16 -25.70
C GLY D 351 8.95 -28.69 -25.94
N HIS D 352 9.72 -28.01 -26.78
CA HIS D 352 11.08 -28.46 -27.04
C HIS D 352 12.09 -27.34 -26.83
N ILE D 353 13.30 -27.73 -26.43
CA ILE D 353 14.39 -26.80 -26.21
C ILE D 353 15.68 -27.41 -26.72
N THR D 354 16.33 -26.76 -27.69
CA THR D 354 17.61 -27.25 -28.15
C THR D 354 18.62 -26.59 -27.22
N ILE D 355 19.26 -27.42 -26.40
CA ILE D 355 20.25 -26.96 -25.43
C ILE D 355 21.62 -27.43 -25.90
N SER D 356 22.46 -26.49 -26.29
CA SER D 356 23.78 -26.88 -26.79
C SER D 356 24.76 -25.75 -26.96
N THR D 357 25.98 -26.13 -27.36
CA THR D 357 27.04 -25.18 -27.63
C THR D 357 26.76 -24.73 -29.06
N ALA D 358 27.36 -23.62 -29.47
CA ALA D 358 27.12 -23.09 -30.80
C ALA D 358 27.55 -24.06 -31.92
N ALA D 359 28.70 -24.69 -31.77
CA ALA D 359 29.20 -25.62 -32.77
C ALA D 359 28.35 -26.87 -32.96
N GLN D 360 27.71 -27.32 -31.88
CA GLN D 360 26.87 -28.51 -31.91
C GLN D 360 25.41 -28.24 -32.27
N TYR D 361 25.01 -26.99 -32.19
CA TYR D 361 23.63 -26.59 -32.45
C TYR D 361 23.09 -26.91 -33.85
N ARG D 362 21.89 -27.46 -33.89
CA ARG D 362 21.20 -27.74 -35.14
C ARG D 362 19.75 -27.32 -34.91
N ASN D 363 19.19 -26.54 -35.83
CA ASN D 363 17.81 -26.10 -35.72
C ASN D 363 16.88 -27.30 -35.64
N ALA D 364 15.86 -27.21 -34.78
CA ALA D 364 14.87 -28.27 -34.62
C ALA D 364 13.60 -27.81 -35.32
N VAL D 365 13.02 -28.70 -36.12
CA VAL D 365 11.80 -28.38 -36.86
C VAL D 365 10.66 -29.31 -36.48
N VAL D 366 9.50 -28.73 -36.18
CA VAL D 366 8.34 -29.54 -35.81
C VAL D 366 7.59 -29.97 -37.06
N GLU D 367 7.54 -31.28 -37.29
CA GLU D 367 6.82 -31.83 -38.44
C GLU D 367 5.39 -32.06 -37.95
N GLN D 368 4.45 -31.30 -38.49
CA GLN D 368 3.07 -31.44 -38.06
C GLN D 368 2.09 -31.75 -39.17
N PRO D 369 0.88 -32.23 -38.80
CA PRO D 369 -0.13 -32.55 -39.81
C PRO D 369 -0.57 -31.26 -40.46
N LEU D 370 -1.42 -31.35 -41.48
CA LEU D 370 -1.93 -30.18 -42.15
C LEU D 370 -2.71 -29.37 -41.12
#